data_6VN3
#
_entry.id   6VN3
#
_cell.length_a   70.510
_cell.length_b   65.834
_cell.length_c   85.077
_cell.angle_alpha   90.000
_cell.angle_beta   94.620
_cell.angle_gamma   90.000
#
_symmetry.space_group_name_H-M   'P 1 21 1'
#
loop_
_entity.id
_entity.type
_entity.pdbx_description
1 polymer 'Ubiquitin carboxyl-terminal hydrolase 7'
2 non-polymer 1-{[7-(5-chloro-2-{[(3R,4S)-4-fluoropyrrolidin-3-yl]oxy}-3-methylphenyl)thieno[3,2-b]pyridin-2-yl]methyl}-1H-pyrrole-2,5-dione
3 water water
#
_entity_poly.entity_id   1
_entity_poly.type   'polypeptide(L)'
_entity_poly.pdbx_seq_one_letter_code
;GSKKHTGYVGLKNQGATCYMNSLLQTLFFTNQLRKAVYMMPTEGDDSSKSVPLALQRVFYELQHSDKPVGTKKLTKSFGW
ETLDSFMQHDVQELCRVLLDNVENKMKGTCVEGTIPKLFRGKMVSYIQCKEVDYRSDRREDYYDIQLSIKGKKNIFESFV
DYVAVEQLDGDNKYDAGEHGLQEAEKGVKFLTLPPVLHLQLMRFMYDPQTDQNIKINDRFEFPEQLPLDEFLQKTDPKDP
ANYILHAVLVHSGDNHGGHYVVYLNPKGDGKWCKFDDDVVSRCTKEEAIEHNYGGHDDDLSVRHCTNAYMLVYIRESKLS
EVLQAVTDHDIPQQLVERLQEEKRIEAQKR
;
_entity_poly.pdbx_strand_id   A,B
#
loop_
_chem_comp.id
_chem_comp.type
_chem_comp.name
_chem_comp.formula
R3Y non-polymer 1-{[7-(5-chloro-2-{[(3R,4S)-4-fluoropyrrolidin-3-yl]oxy}-3-methylphenyl)thieno[3,2-b]pyridin-2-yl]methyl}-1H-pyrrole-2,5-dione 'C23 H21 Cl F N3 O3 S'
#
# COMPACT_ATOMS: atom_id res chain seq x y z
N LYS A 3 -14.61 -18.09 22.30
CA LYS A 3 -14.92 -17.52 20.94
C LYS A 3 -16.41 -17.26 20.67
N LYS A 4 -17.30 -18.09 21.22
CA LYS A 4 -18.76 -17.96 21.00
C LYS A 4 -19.36 -16.63 21.47
N HIS A 5 -18.92 -16.11 22.63
CA HIS A 5 -19.44 -14.85 23.18
C HIS A 5 -18.87 -13.62 22.46
N THR A 6 -17.55 -13.50 22.49
CA THR A 6 -16.80 -12.30 22.02
C THR A 6 -16.37 -12.30 20.54
N GLY A 7 -16.26 -13.48 19.93
CA GLY A 7 -15.64 -13.65 18.61
C GLY A 7 -14.15 -13.96 18.61
N TYR A 8 -13.48 -13.87 19.77
CA TYR A 8 -12.02 -13.97 19.90
C TYR A 8 -11.65 -15.06 20.89
N VAL A 9 -10.60 -15.85 20.58
CA VAL A 9 -10.01 -16.81 21.53
C VAL A 9 -8.84 -16.24 22.31
N GLY A 10 -8.66 -16.81 23.49
CA GLY A 10 -7.56 -16.55 24.38
C GLY A 10 -6.44 -17.56 24.24
N LEU A 11 -5.38 -17.30 24.99
CA LEU A 11 -4.16 -18.12 25.00
C LEU A 11 -4.16 -19.00 26.25
N LYS A 12 -3.32 -20.02 26.25
CA LYS A 12 -3.10 -20.86 27.44
C LYS A 12 -2.44 -20.05 28.55
N ASN A 13 -2.53 -20.57 29.77
CA ASN A 13 -2.16 -19.82 30.99
C ASN A 13 -0.68 -19.40 30.97
N GLN A 14 -0.39 -18.29 31.66
CA GLN A 14 0.98 -17.74 31.72
C GLN A 14 1.93 -18.67 32.51
N GLY A 15 1.82 -18.65 33.85
CA GLY A 15 2.89 -19.10 34.73
C GLY A 15 4.14 -18.26 34.50
N ALA A 16 5.26 -18.95 34.22
CA ALA A 16 6.56 -18.30 33.89
C ALA A 16 6.54 -17.29 32.71
N THR A 17 5.60 -17.48 31.78
CA THR A 17 5.37 -16.59 30.61
C THR A 17 5.20 -15.07 30.85
N CYS A 18 4.53 -14.70 31.94
CA CYS A 18 4.28 -13.30 32.33
C CYS A 18 3.47 -12.49 31.30
N TYR A 19 4.15 -11.65 30.50
CA TYR A 19 3.51 -10.57 29.70
C TYR A 19 3.44 -10.92 28.21
N MET A 20 3.82 -12.14 27.84
CA MET A 20 3.88 -12.55 26.43
C MET A 20 2.49 -12.63 25.83
N ASN A 21 1.55 -13.26 26.53
CA ASN A 21 0.16 -13.40 26.07
C ASN A 21 -0.50 -12.05 25.78
N SER A 22 -0.25 -11.07 26.66
CA SER A 22 -0.70 -9.69 26.47
C SER A 22 -0.14 -9.05 25.19
N LEU A 23 1.15 -9.28 24.93
CA LEU A 23 1.82 -8.79 23.72
C LEU A 23 1.36 -9.54 22.47
N LEU A 24 1.21 -10.85 22.57
CA LEU A 24 0.78 -11.67 21.42
C LEU A 24 -0.60 -11.26 20.90
N GLN A 25 -1.55 -11.00 21.80
CA GLN A 25 -2.89 -10.52 21.42
C GLN A 25 -2.86 -9.13 20.79
N THR A 26 -2.01 -8.26 21.35
CA THR A 26 -1.76 -6.93 20.81
C THR A 26 -1.19 -6.93 19.36
N LEU A 27 -0.19 -7.77 19.13
CA LEU A 27 0.40 -7.95 17.79
C LEU A 27 -0.56 -8.69 16.82
N PHE A 28 -1.27 -9.70 17.32
CA PHE A 28 -2.28 -10.42 16.53
C PHE A 28 -3.36 -9.50 15.97
N PHE A 29 -3.88 -8.62 16.83
CA PHE A 29 -4.90 -7.64 16.44
C PHE A 29 -4.35 -6.36 15.76
N THR A 30 -3.04 -6.28 15.58
CA THR A 30 -2.44 -5.37 14.57
C THR A 30 -2.57 -6.11 13.23
N ASN A 31 -3.74 -6.00 12.61
CA ASN A 31 -4.14 -6.88 11.47
C ASN A 31 -3.21 -6.82 10.25
N GLN A 32 -2.72 -5.62 9.91
CA GLN A 32 -1.75 -5.45 8.81
C GLN A 32 -0.44 -6.22 9.02
N LEU A 33 0.01 -6.27 10.27
CA LEU A 33 1.15 -7.11 10.67
C LEU A 33 0.82 -8.60 10.51
N ARG A 34 -0.37 -9.00 11.00
CA ARG A 34 -0.81 -10.40 10.94
C ARG A 34 -0.81 -10.94 9.50
N LYS A 35 -1.37 -10.16 8.58
CA LYS A 35 -1.37 -10.49 7.13
C LYS A 35 0.05 -10.65 6.59
N ALA A 36 0.94 -9.73 6.98
CA ALA A 36 2.36 -9.79 6.60
C ALA A 36 3.11 -11.00 7.16
N VAL A 37 2.80 -11.36 8.43
CA VAL A 37 3.38 -12.54 9.08
C VAL A 37 2.99 -13.84 8.34
N TYR A 38 1.72 -13.97 7.95
CA TYR A 38 1.26 -15.12 7.11
C TYR A 38 1.99 -15.25 5.76
N MET A 39 2.35 -14.12 5.17
CA MET A 39 3.09 -14.08 3.89
C MET A 39 4.58 -14.49 3.91
N MET A 40 5.20 -14.59 5.09
CA MET A 40 6.63 -14.90 5.20
C MET A 40 6.94 -16.28 4.61
N PRO A 41 7.98 -16.39 3.75
CA PRO A 41 8.29 -17.66 3.10
C PRO A 41 9.03 -18.62 4.06
N THR A 42 8.25 -19.24 4.94
CA THR A 42 8.75 -20.16 5.97
C THR A 42 8.68 -21.65 5.57
N GLU A 43 8.46 -21.96 4.29
CA GLU A 43 8.44 -23.35 3.79
C GLU A 43 9.75 -24.11 4.03
N GLY A 44 10.89 -23.42 3.88
CA GLY A 44 12.22 -23.99 4.12
C GLY A 44 12.63 -24.11 5.59
N ASP A 45 12.04 -23.30 6.46
CA ASP A 45 12.42 -23.19 7.88
C ASP A 45 12.27 -24.49 8.68
N ASP A 46 13.02 -24.55 9.79
CA ASP A 46 12.95 -25.64 10.78
C ASP A 46 11.69 -25.46 11.63
N SER A 47 10.95 -26.54 11.87
CA SER A 47 9.69 -26.53 12.64
C SER A 47 9.84 -26.00 14.08
N SER A 48 10.95 -26.37 14.72
CA SER A 48 11.22 -26.09 16.13
C SER A 48 11.94 -24.75 16.33
N LYS A 49 13.04 -24.57 15.60
CA LYS A 49 13.97 -23.45 15.82
C LYS A 49 13.52 -22.08 15.24
N SER A 50 12.62 -22.08 14.25
CA SER A 50 12.21 -20.84 13.57
C SER A 50 11.21 -19.99 14.36
N VAL A 51 11.63 -18.79 14.75
CA VAL A 51 10.76 -17.81 15.42
C VAL A 51 9.68 -17.24 14.48
N PRO A 52 10.02 -16.93 13.20
CA PRO A 52 8.99 -16.57 12.20
C PRO A 52 7.85 -17.59 12.04
N LEU A 53 8.21 -18.88 11.93
CA LEU A 53 7.21 -19.95 11.82
C LEU A 53 6.36 -20.13 13.07
N ALA A 54 7.01 -20.06 14.24
CA ALA A 54 6.31 -20.17 15.53
C ALA A 54 5.28 -19.06 15.79
N LEU A 55 5.52 -17.87 15.25
CA LEU A 55 4.60 -16.73 15.34
C LEU A 55 3.44 -16.86 14.35
N GLN A 56 3.72 -17.40 13.17
CA GLN A 56 2.65 -17.84 12.24
C GLN A 56 1.72 -18.88 12.85
N ARG A 57 2.28 -19.82 13.64
CA ARG A 57 1.50 -20.88 14.30
C ARG A 57 0.50 -20.33 15.33
N VAL A 58 0.97 -19.43 16.19
CA VAL A 58 0.12 -18.77 17.19
C VAL A 58 -0.99 -17.96 16.52
N PHE A 59 -0.59 -17.10 15.58
CA PHE A 59 -1.51 -16.25 14.80
C PHE A 59 -2.56 -17.06 14.04
N TYR A 60 -2.13 -18.14 13.37
CA TYR A 60 -3.05 -19.10 12.74
C TYR A 60 -4.09 -19.61 13.74
N GLU A 61 -3.58 -20.13 14.86
CA GLU A 61 -4.43 -20.75 15.87
C GLU A 61 -5.34 -19.75 16.61
N LEU A 62 -4.85 -18.55 16.91
CA LEU A 62 -5.70 -17.45 17.39
C LEU A 62 -6.84 -17.09 16.43
N GLN A 63 -6.56 -17.16 15.12
CA GLN A 63 -7.56 -16.91 14.07
C GLN A 63 -8.59 -18.02 13.87
N HIS A 64 -8.16 -19.28 14.04
CA HIS A 64 -9.00 -20.48 13.74
C HIS A 64 -9.50 -21.33 14.92
N SER A 65 -8.77 -21.36 16.03
CA SER A 65 -9.12 -22.25 17.16
C SER A 65 -10.35 -21.74 17.92
N ASP A 66 -11.13 -22.70 18.44
CA ASP A 66 -12.12 -22.46 19.50
C ASP A 66 -11.49 -22.65 20.88
N LYS A 67 -10.65 -23.68 21.01
CA LYS A 67 -9.91 -23.94 22.25
C LYS A 67 -8.75 -22.92 22.44
N PRO A 68 -8.26 -22.74 23.69
CA PRO A 68 -7.09 -21.85 23.92
C PRO A 68 -5.78 -22.31 23.26
N VAL A 69 -5.00 -21.32 22.82
CA VAL A 69 -3.80 -21.53 21.98
C VAL A 69 -2.53 -21.61 22.85
N GLY A 70 -1.75 -22.65 22.62
CA GLY A 70 -0.48 -22.85 23.33
C GLY A 70 0.65 -22.03 22.72
N THR A 71 1.63 -21.69 23.56
CA THR A 71 2.81 -20.88 23.21
C THR A 71 4.17 -21.61 23.46
N LYS A 72 4.14 -22.92 23.74
CA LYS A 72 5.35 -23.66 24.14
C LYS A 72 6.36 -23.84 22.99
N LYS A 73 5.85 -24.09 21.77
CA LYS A 73 6.68 -24.08 20.54
C LYS A 73 7.30 -22.71 20.26
N LEU A 74 6.57 -21.64 20.56
CA LEU A 74 7.05 -20.27 20.40
C LEU A 74 8.11 -19.85 21.43
N THR A 75 7.93 -20.22 22.70
CA THR A 75 8.93 -19.91 23.75
C THR A 75 10.26 -20.66 23.56
N LYS A 76 10.17 -21.93 23.15
CA LYS A 76 11.34 -22.74 22.79
C LYS A 76 12.13 -22.18 21.57
N SER A 77 11.45 -21.48 20.66
CA SER A 77 12.09 -20.94 19.45
C SER A 77 13.07 -19.78 19.73
N PHE A 78 12.65 -18.80 20.54
CA PHE A 78 13.52 -17.65 20.93
C PHE A 78 14.21 -17.76 22.31
N GLY A 79 14.20 -18.96 22.91
CA GLY A 79 15.06 -19.28 24.06
C GLY A 79 14.73 -18.70 25.44
N TRP A 80 13.51 -18.15 25.61
CA TRP A 80 13.03 -17.61 26.90
C TRP A 80 12.07 -18.63 27.52
N GLU A 81 12.65 -19.67 28.10
CA GLU A 81 11.88 -20.77 28.70
C GLU A 81 11.59 -20.54 30.19
N THR A 82 12.58 -20.04 30.94
CA THR A 82 12.44 -19.78 32.39
C THR A 82 11.69 -18.47 32.74
N LEU A 83 11.15 -18.40 33.96
CA LEU A 83 10.49 -17.18 34.51
C LEU A 83 11.44 -16.00 34.64
N ASP A 84 12.66 -16.27 35.11
CA ASP A 84 13.75 -15.29 35.19
C ASP A 84 14.00 -14.56 33.85
N SER A 85 13.98 -15.31 32.75
CA SER A 85 14.17 -14.76 31.41
C SER A 85 13.12 -13.75 30.97
N PHE A 86 11.88 -13.88 31.47
CA PHE A 86 10.85 -12.84 31.29
C PHE A 86 10.99 -11.66 32.25
N MET A 87 11.25 -11.93 33.54
CA MET A 87 11.30 -10.86 34.56
C MET A 87 12.49 -9.90 34.40
N GLN A 88 13.65 -10.41 33.97
CA GLN A 88 14.82 -9.56 33.62
C GLN A 88 14.53 -8.56 32.49
N HIS A 89 13.72 -8.97 31.50
CA HIS A 89 13.35 -8.12 30.36
C HIS A 89 12.03 -7.39 30.56
N ASP A 90 11.80 -6.40 29.69
CA ASP A 90 10.55 -5.64 29.62
C ASP A 90 9.86 -5.94 28.30
N VAL A 91 8.61 -5.47 28.19
CA VAL A 91 7.74 -5.76 27.05
C VAL A 91 8.29 -5.27 25.70
N GLN A 92 8.87 -4.06 25.69
CA GLN A 92 9.49 -3.51 24.47
C GLN A 92 10.68 -4.30 23.95
N GLU A 93 11.42 -4.95 24.85
CA GLU A 93 12.56 -5.78 24.50
C GLU A 93 12.07 -7.08 23.87
N LEU A 94 11.02 -7.67 24.44
CA LEU A 94 10.36 -8.88 23.90
C LEU A 94 9.77 -8.64 22.52
N CYS A 95 9.02 -7.54 22.40
CA CYS A 95 8.44 -7.12 21.12
C CYS A 95 9.49 -6.88 20.06
N ARG A 96 10.62 -6.29 20.45
CA ARG A 96 11.79 -6.10 19.56
C ARG A 96 12.37 -7.43 19.09
N VAL A 97 12.47 -8.41 19.97
CA VAL A 97 12.99 -9.77 19.63
C VAL A 97 12.10 -10.46 18.58
N LEU A 98 10.79 -10.35 18.71
CA LEU A 98 9.83 -10.95 17.78
C LEU A 98 9.83 -10.24 16.43
N LEU A 99 9.75 -8.91 16.45
CA LEU A 99 9.66 -8.11 15.22
C LEU A 99 10.96 -8.03 14.41
N ASP A 100 12.13 -8.13 15.05
CA ASP A 100 13.42 -8.26 14.34
C ASP A 100 13.49 -9.54 13.52
N ASN A 101 13.10 -10.66 14.12
CA ASN A 101 12.97 -11.95 13.41
C ASN A 101 12.03 -11.83 12.23
N VAL A 102 10.85 -11.26 12.47
CA VAL A 102 9.84 -11.04 11.44
C VAL A 102 10.37 -10.13 10.32
N GLU A 103 10.94 -8.99 10.67
CA GLU A 103 11.48 -8.01 9.68
C GLU A 103 12.61 -8.60 8.83
N ASN A 104 13.51 -9.37 9.45
CA ASN A 104 14.62 -10.02 8.73
C ASN A 104 14.14 -11.06 7.73
N LYS A 105 13.17 -11.89 8.14
CA LYS A 105 12.54 -12.87 7.25
C LYS A 105 11.78 -12.20 6.08
N MET A 106 11.15 -11.05 6.35
CA MET A 106 10.46 -10.28 5.31
C MET A 106 11.34 -9.57 4.27
N LYS A 107 12.66 -9.50 4.48
CA LYS A 107 13.58 -8.88 3.49
C LYS A 107 13.65 -9.71 2.22
N GLY A 108 13.67 -9.04 1.07
CA GLY A 108 13.56 -9.68 -0.23
C GLY A 108 12.21 -10.30 -0.58
N THR A 109 11.14 -9.97 0.16
CA THR A 109 9.78 -10.50 -0.06
C THR A 109 8.84 -9.36 -0.43
N CYS A 110 7.65 -9.74 -0.88
CA CYS A 110 6.56 -8.79 -1.18
C CYS A 110 6.05 -8.01 0.05
N VAL A 111 6.26 -8.53 1.26
CA VAL A 111 5.87 -7.86 2.51
C VAL A 111 7.04 -7.18 3.28
N GLU A 112 8.16 -6.90 2.59
CA GLU A 112 9.29 -6.14 3.14
C GLU A 112 8.90 -4.74 3.60
N GLY A 113 9.50 -4.30 4.70
CA GLY A 113 9.27 -2.99 5.25
C GLY A 113 7.97 -2.79 6.01
N THR A 114 7.25 -3.87 6.32
CA THR A 114 5.98 -3.78 7.06
C THR A 114 6.18 -3.38 8.51
N ILE A 115 7.25 -3.87 9.15
CA ILE A 115 7.59 -3.50 10.54
C ILE A 115 7.90 -1.98 10.66
N PRO A 116 8.84 -1.43 9.87
CA PRO A 116 9.06 0.02 9.93
C PRO A 116 7.89 0.90 9.43
N LYS A 117 7.10 0.38 8.49
CA LYS A 117 5.88 1.08 8.06
C LYS A 117 4.91 1.22 9.22
N LEU A 118 4.72 0.16 9.99
CA LEU A 118 3.76 0.17 11.10
C LEU A 118 4.23 0.87 12.37
N PHE A 119 5.48 0.62 12.77
CA PHE A 119 6.01 0.98 14.11
C PHE A 119 7.12 2.03 14.22
N ARG A 120 7.88 2.28 13.14
CA ARG A 120 9.04 3.22 13.16
C ARG A 120 8.64 4.69 13.03
N GLY A 121 8.97 5.49 14.05
CA GLY A 121 8.99 6.96 13.96
C GLY A 121 10.41 7.47 14.03
N LYS A 122 10.59 8.77 13.82
CA LYS A 122 11.89 9.43 13.82
C LYS A 122 11.87 10.60 14.82
N MET A 123 12.98 10.77 15.56
CA MET A 123 13.19 11.93 16.46
C MET A 123 14.59 12.51 16.32
N VAL A 124 14.71 13.79 16.66
CA VAL A 124 15.99 14.52 16.73
C VAL A 124 16.30 14.78 18.20
N SER A 125 17.47 14.31 18.65
CA SER A 125 18.09 14.77 19.91
C SER A 125 19.11 15.86 19.57
N TYR A 126 19.09 16.97 20.34
CA TYR A 126 19.98 18.11 20.12
C TYR A 126 20.61 18.62 21.43
N ILE A 127 21.83 19.16 21.32
CA ILE A 127 22.48 19.93 22.40
C ILE A 127 22.91 21.26 21.80
N GLN A 128 22.28 22.36 22.22
CA GLN A 128 22.58 23.73 21.76
C GLN A 128 23.30 24.49 22.87
N CYS A 129 24.52 24.97 22.59
CA CYS A 129 25.24 25.90 23.50
C CYS A 129 24.58 27.27 23.49
N LYS A 130 24.34 27.85 24.67
CA LYS A 130 23.63 29.13 24.80
C LYS A 130 24.50 30.33 24.38
N GLU A 131 25.69 30.44 24.98
CA GLU A 131 26.63 31.57 24.75
C GLU A 131 27.79 31.31 23.73
N VAL A 132 27.69 30.25 22.92
CA VAL A 132 28.68 29.91 21.86
C VAL A 132 27.92 29.30 20.68
N ASP A 133 28.46 29.44 19.46
CA ASP A 133 27.87 28.84 18.25
C ASP A 133 28.36 27.40 18.06
N TYR A 134 27.71 26.47 18.78
CA TYR A 134 27.87 25.02 18.55
C TYR A 134 26.55 24.28 18.84
N ARG A 135 26.19 23.35 17.94
CA ARG A 135 24.96 22.54 18.03
C ARG A 135 25.22 21.11 17.49
N SER A 136 25.09 20.10 18.36
CA SER A 136 25.14 18.69 17.95
C SER A 136 23.73 18.16 17.76
N ASP A 137 23.47 17.53 16.60
CA ASP A 137 22.21 16.86 16.30
C ASP A 137 22.43 15.38 15.97
N ARG A 138 21.59 14.50 16.53
CA ARG A 138 21.47 13.12 16.06
C ARG A 138 20.01 12.83 15.71
N ARG A 139 19.80 12.38 14.47
CA ARG A 139 18.55 11.77 14.05
C ARG A 139 18.55 10.33 14.58
N GLU A 140 17.41 9.89 15.12
CA GLU A 140 17.23 8.54 15.66
C GLU A 140 15.89 7.98 15.24
N ASP A 141 15.90 6.75 14.73
CA ASP A 141 14.70 5.93 14.64
C ASP A 141 14.31 5.43 16.04
N TYR A 142 13.01 5.38 16.32
CA TYR A 142 12.46 4.64 17.46
C TYR A 142 11.30 3.74 17.01
N TYR A 143 11.16 2.60 17.69
CA TYR A 143 9.98 1.73 17.57
C TYR A 143 9.00 1.81 18.76
N ASP A 144 9.38 2.54 19.82
CA ASP A 144 8.60 2.63 21.06
C ASP A 144 9.11 3.80 21.92
N ILE A 145 8.24 4.28 22.79
CA ILE A 145 8.55 5.41 23.68
C ILE A 145 8.31 4.94 25.10
N GLN A 146 9.24 5.30 25.99
CA GLN A 146 9.13 5.03 27.41
C GLN A 146 8.79 6.36 28.06
N LEU A 147 7.58 6.47 28.61
CA LEU A 147 7.08 7.71 29.22
C LEU A 147 7.23 7.69 30.75
N SER A 148 7.64 8.84 31.30
CA SER A 148 7.76 9.05 32.76
C SER A 148 6.38 9.37 33.33
N ILE A 149 6.01 8.72 34.44
CA ILE A 149 4.71 8.92 35.14
C ILE A 149 4.76 9.47 36.57
N LYS A 150 5.92 9.39 37.24
CA LYS A 150 6.09 9.93 38.59
C LYS A 150 5.93 11.44 38.58
N GLY A 151 4.90 11.93 39.28
CA GLY A 151 4.54 13.35 39.27
C GLY A 151 3.79 13.87 38.04
N LYS A 152 3.42 12.97 37.12
CA LYS A 152 2.69 13.32 35.91
C LYS A 152 1.25 12.87 36.11
N LYS A 153 0.31 13.77 35.87
CA LYS A 153 -1.13 13.49 35.91
C LYS A 153 -1.56 12.55 34.80
N ASN A 154 -0.96 12.71 33.61
CA ASN A 154 -1.45 12.06 32.40
C ASN A 154 -0.42 11.97 31.25
N ILE A 155 -0.80 11.28 30.17
CA ILE A 155 0.00 11.14 28.93
C ILE A 155 0.44 12.49 28.36
N PHE A 156 -0.49 13.46 28.31
CA PHE A 156 -0.16 14.83 27.88
C PHE A 156 1.06 15.37 28.65
N GLU A 157 1.01 15.32 29.98
CA GLU A 157 2.10 15.78 30.84
C GLU A 157 3.41 14.99 30.70
N SER A 158 3.31 13.68 30.48
CA SER A 158 4.49 12.83 30.21
C SER A 158 5.18 13.16 28.90
N PHE A 159 4.39 13.43 27.86
CA PHE A 159 4.91 13.91 26.56
C PHE A 159 5.53 15.30 26.67
N VAL A 160 4.90 16.19 27.42
CA VAL A 160 5.48 17.52 27.74
C VAL A 160 6.86 17.36 28.40
N ASP A 161 6.95 16.48 29.40
CA ASP A 161 8.22 16.16 30.08
C ASP A 161 9.23 15.46 29.16
N TYR A 162 8.74 14.58 28.27
CA TYR A 162 9.59 13.89 27.29
C TYR A 162 10.34 14.86 26.38
N VAL A 163 9.64 15.89 25.87
CA VAL A 163 10.23 16.93 25.00
C VAL A 163 10.88 18.12 25.74
N ALA A 164 10.60 18.29 27.04
CA ALA A 164 11.03 19.48 27.81
C ALA A 164 12.53 19.71 27.76
N VAL A 165 12.92 20.99 27.66
CA VAL A 165 14.30 21.39 27.44
C VAL A 165 15.01 21.36 28.79
N GLU A 166 16.15 20.66 28.85
CA GLU A 166 16.97 20.52 30.05
C GLU A 166 18.13 21.51 29.98
N GLN A 167 18.37 22.26 31.06
CA GLN A 167 19.52 23.19 31.14
C GLN A 167 20.75 22.46 31.63
N LEU A 168 21.88 22.68 30.95
CA LEU A 168 23.18 22.12 31.30
C LEU A 168 24.01 23.27 31.84
N ASP A 169 23.73 23.64 33.11
CA ASP A 169 24.38 24.76 33.81
C ASP A 169 25.19 24.30 35.01
N GLY A 170 26.01 25.23 35.54
CA GLY A 170 26.71 25.07 36.83
C GLY A 170 27.74 23.96 36.86
N ASP A 171 27.53 22.99 37.77
CA ASP A 171 28.34 21.77 37.84
C ASP A 171 28.20 20.87 36.61
N ASN A 172 27.00 20.87 35.99
CA ASN A 172 26.66 20.01 34.85
C ASN A 172 26.66 20.78 33.49
N LYS A 173 27.71 21.57 33.26
CA LYS A 173 27.93 22.25 31.96
C LYS A 173 28.36 21.26 30.87
N TYR A 174 28.15 21.66 29.61
CA TYR A 174 28.39 20.80 28.43
C TYR A 174 29.84 20.90 27.88
N ASP A 175 30.55 19.76 27.90
CA ASP A 175 31.87 19.56 27.25
C ASP A 175 31.73 19.79 25.73
N ALA A 176 32.12 20.98 25.27
CA ALA A 176 32.01 21.40 23.86
C ALA A 176 33.34 21.33 23.06
N GLY A 177 34.28 20.47 23.50
CA GLY A 177 35.52 20.21 22.76
C GLY A 177 36.49 21.37 22.83
N GLU A 178 36.73 22.02 21.70
CA GLU A 178 37.64 23.19 21.61
C GLU A 178 37.13 24.40 22.38
N HIS A 179 35.81 24.51 22.52
CA HIS A 179 35.16 25.59 23.29
C HIS A 179 35.11 25.37 24.81
N GLY A 180 35.50 24.19 25.30
CA GLY A 180 35.53 23.89 26.74
C GLY A 180 34.14 23.71 27.31
N LEU A 181 34.01 23.86 28.63
CA LEU A 181 32.70 23.70 29.31
C LEU A 181 31.82 24.91 29.02
N GLN A 182 30.56 24.64 28.65
CA GLN A 182 29.61 25.67 28.19
C GLN A 182 28.23 25.46 28.80
N GLU A 183 27.54 26.58 29.05
CA GLU A 183 26.09 26.57 29.28
C GLU A 183 25.41 26.09 27.99
N ALA A 184 24.44 25.19 28.13
CA ALA A 184 23.74 24.60 26.98
C ALA A 184 22.35 24.08 27.33
N GLU A 185 21.55 23.90 26.28
CA GLU A 185 20.18 23.39 26.36
C GLU A 185 20.12 22.03 25.65
N LYS A 186 19.68 21.00 26.37
CA LYS A 186 19.53 19.63 25.86
C LYS A 186 18.05 19.35 25.68
N GLY A 187 17.69 18.70 24.57
CA GLY A 187 16.30 18.37 24.27
C GLY A 187 16.12 17.23 23.27
N VAL A 188 14.88 16.77 23.16
CA VAL A 188 14.46 15.83 22.12
C VAL A 188 13.17 16.37 21.47
N LYS A 189 13.02 16.11 20.17
CA LYS A 189 11.83 16.51 19.38
C LYS A 189 11.40 15.37 18.43
N PHE A 190 10.10 15.09 18.38
CA PHE A 190 9.54 14.09 17.45
C PHE A 190 9.40 14.68 16.04
N LEU A 191 9.98 14.03 15.04
CA LEU A 191 9.82 14.42 13.64
C LEU A 191 8.57 13.80 13.04
N THR A 192 8.42 12.50 13.24
CA THR A 192 7.21 11.77 12.86
C THR A 192 6.83 10.75 13.92
N LEU A 193 5.53 10.47 13.99
CA LEU A 193 4.96 9.44 14.85
C LEU A 193 4.43 8.31 13.94
N PRO A 194 4.66 7.03 14.31
CA PRO A 194 4.26 5.90 13.45
C PRO A 194 2.72 5.66 13.44
N PRO A 195 2.22 4.84 12.48
CA PRO A 195 0.81 4.42 12.50
C PRO A 195 0.39 3.68 13.77
N VAL A 196 1.21 2.75 14.24
CA VAL A 196 1.01 2.06 15.53
C VAL A 196 2.05 2.58 16.55
N LEU A 197 1.57 3.26 17.58
CA LEU A 197 2.42 3.89 18.62
C LEU A 197 2.43 3.03 19.90
N HIS A 198 3.60 2.47 20.22
CA HIS A 198 3.82 1.71 21.48
C HIS A 198 4.40 2.59 22.59
N LEU A 199 3.57 2.87 23.62
CA LEU A 199 3.96 3.66 24.79
C LEU A 199 4.07 2.76 26.02
N GLN A 200 5.28 2.59 26.55
CA GLN A 200 5.49 1.97 27.88
C GLN A 200 5.55 3.05 28.94
N LEU A 201 4.85 2.80 30.06
CA LEU A 201 4.77 3.72 31.19
C LEU A 201 5.76 3.28 32.24
N MET A 202 6.68 4.17 32.62
CA MET A 202 7.74 3.85 33.59
C MET A 202 7.21 3.66 35.02
N ARG A 203 6.80 2.43 35.32
CA ARG A 203 6.36 2.01 36.67
C ARG A 203 7.51 1.63 37.65
N PHE A 204 8.78 1.76 37.24
CA PHE A 204 9.96 1.51 38.09
C PHE A 204 11.03 2.58 37.89
N MET A 205 11.44 3.26 38.98
CA MET A 205 12.52 4.27 38.98
C MET A 205 13.70 3.81 39.85
N ASN A 213 15.24 -0.74 42.75
CA ASN A 213 14.15 -0.37 41.85
C ASN A 213 12.85 -0.16 42.63
N ILE A 214 12.57 1.09 43.00
CA ILE A 214 11.31 1.45 43.69
C ILE A 214 10.14 1.51 42.68
N LYS A 215 9.00 0.91 43.06
CA LYS A 215 7.83 0.81 42.19
C LYS A 215 6.90 2.00 42.40
N ILE A 216 6.17 2.36 41.33
CA ILE A 216 5.25 3.51 41.31
C ILE A 216 3.84 2.97 41.03
N ASN A 217 2.99 2.92 42.06
CA ASN A 217 1.54 2.60 41.93
C ASN A 217 0.62 3.83 41.71
N ASP A 218 1.18 5.02 41.43
CA ASP A 218 0.42 6.27 41.25
C ASP A 218 -0.70 6.18 40.20
N ARG A 219 -1.74 6.98 40.40
CA ARG A 219 -2.79 7.16 39.40
C ARG A 219 -2.19 7.91 38.20
N PHE A 220 -2.31 7.31 37.03
CA PHE A 220 -1.85 7.89 35.77
C PHE A 220 -2.95 7.74 34.70
N GLU A 221 -3.44 8.87 34.21
CA GLU A 221 -4.62 8.95 33.35
C GLU A 221 -4.21 8.99 31.86
N PHE A 222 -4.81 8.12 31.04
CA PHE A 222 -4.60 8.08 29.57
C PHE A 222 -5.98 8.17 28.88
N PRO A 223 -6.10 8.97 27.78
CA PRO A 223 -7.41 9.16 27.14
C PRO A 223 -7.69 8.18 26.01
N GLU A 224 -8.93 8.14 25.55
CA GLU A 224 -9.32 7.35 24.37
C GLU A 224 -8.73 7.97 23.10
N GLN A 225 -8.98 9.27 22.93
CA GLN A 225 -8.40 10.06 21.84
C GLN A 225 -7.22 10.87 22.36
N LEU A 226 -6.09 10.79 21.67
CA LEU A 226 -4.82 11.40 22.06
C LEU A 226 -4.29 12.24 20.89
N PRO A 227 -4.41 13.59 20.95
CA PRO A 227 -3.81 14.45 19.91
C PRO A 227 -2.35 14.79 20.25
N LEU A 228 -1.45 14.59 19.27
CA LEU A 228 0.00 14.77 19.46
C LEU A 228 0.67 15.75 18.48
N ASP A 229 -0.11 16.57 17.77
CA ASP A 229 0.45 17.59 16.83
C ASP A 229 1.39 18.59 17.53
N GLU A 230 1.03 19.01 18.75
CA GLU A 230 1.85 19.96 19.51
C GLU A 230 3.24 19.42 19.93
N PHE A 231 3.43 18.10 19.94
CA PHE A 231 4.74 17.47 20.16
C PHE A 231 5.58 17.17 18.90
N LEU A 232 5.07 17.49 17.71
CA LEU A 232 5.86 17.44 16.46
C LEU A 232 6.52 18.78 16.18
N GLN A 233 7.66 18.76 15.48
CA GLN A 233 8.30 19.97 14.95
C GLN A 233 7.46 20.61 13.82
N LYS A 234 6.98 19.79 12.89
CA LYS A 234 6.09 20.22 11.80
C LYS A 234 4.85 19.33 11.72
N THR A 235 3.68 19.96 11.49
CA THR A 235 2.37 19.31 11.47
C THR A 235 1.75 19.36 10.06
N ASP A 236 1.52 18.19 9.46
CA ASP A 236 0.79 18.07 8.18
C ASP A 236 -0.72 18.36 8.44
N PRO A 237 -1.30 19.39 7.77
CA PRO A 237 -2.76 19.62 7.91
C PRO A 237 -3.64 18.56 7.23
N LYS A 238 -3.15 17.94 6.14
CA LYS A 238 -3.81 16.77 5.50
C LYS A 238 -3.90 15.53 6.40
N ASP A 239 -2.95 15.35 7.31
CA ASP A 239 -2.87 14.21 8.26
C ASP A 239 -2.43 14.70 9.65
N PRO A 240 -3.38 15.11 10.52
CA PRO A 240 -3.01 15.44 11.90
C PRO A 240 -2.67 14.19 12.71
N ALA A 241 -2.01 14.41 13.84
CA ALA A 241 -1.47 13.33 14.69
C ALA A 241 -2.45 13.01 15.83
N ASN A 242 -3.68 12.67 15.42
CA ASN A 242 -4.74 12.26 16.33
C ASN A 242 -4.64 10.74 16.40
N TYR A 243 -4.50 10.25 17.63
CA TYR A 243 -4.32 8.83 17.94
C TYR A 243 -5.50 8.31 18.74
N ILE A 244 -5.85 7.05 18.50
CA ILE A 244 -7.02 6.40 19.06
C ILE A 244 -6.51 5.20 19.86
N LEU A 245 -7.05 5.01 21.07
CA LEU A 245 -6.61 3.96 21.98
C LEU A 245 -7.09 2.58 21.51
N HIS A 246 -6.12 1.68 21.33
CA HIS A 246 -6.31 0.30 20.81
C HIS A 246 -6.20 -0.80 21.87
N ALA A 247 -5.17 -0.70 22.72
CA ALA A 247 -4.86 -1.69 23.76
C ALA A 247 -4.24 -1.08 25.04
N VAL A 248 -4.51 -1.75 26.16
CA VAL A 248 -4.04 -1.36 27.50
C VAL A 248 -3.56 -2.64 28.18
N LEU A 249 -2.25 -2.74 28.43
CA LEU A 249 -1.65 -3.90 29.10
C LEU A 249 -1.50 -3.63 30.62
N VAL A 250 -2.05 -4.52 31.45
CA VAL A 250 -2.22 -4.31 32.89
C VAL A 250 -1.46 -5.40 33.69
N HIS A 251 -0.92 -5.00 34.85
CA HIS A 251 -0.34 -5.90 35.86
C HIS A 251 -1.08 -5.69 37.19
N SER A 252 -1.37 -6.79 37.87
CA SER A 252 -1.94 -6.80 39.23
C SER A 252 -1.05 -7.64 40.14
N GLY A 253 -1.04 -7.29 41.43
CA GLY A 253 -0.44 -8.12 42.48
C GLY A 253 1.05 -7.94 42.70
N ASP A 254 1.76 -9.06 42.82
CA ASP A 254 3.17 -9.07 43.30
C ASP A 254 4.16 -8.70 42.18
N ASN A 255 5.31 -8.16 42.59
CA ASN A 255 6.47 -7.91 41.70
C ASN A 255 7.41 -9.10 41.83
N HIS A 256 8.14 -9.40 40.75
CA HIS A 256 8.82 -10.70 40.57
C HIS A 256 7.77 -11.83 40.51
N GLY A 257 6.71 -11.56 39.75
CA GLY A 257 5.49 -12.40 39.72
C GLY A 257 4.27 -11.60 39.25
N GLY A 258 3.15 -11.75 39.97
CA GLY A 258 1.88 -11.11 39.61
C GLY A 258 1.15 -11.70 38.41
N HIS A 259 0.03 -11.06 38.05
CA HIS A 259 -0.88 -11.51 37.00
C HIS A 259 -1.03 -10.44 35.89
N TYR A 260 -0.80 -10.86 34.65
CA TYR A 260 -0.81 -9.98 33.47
C TYR A 260 -2.08 -10.18 32.63
N VAL A 261 -2.73 -9.07 32.30
CA VAL A 261 -3.97 -8.99 31.50
C VAL A 261 -3.74 -7.95 30.40
N VAL A 262 -4.51 -8.05 29.30
CA VAL A 262 -4.60 -6.98 28.29
C VAL A 262 -6.05 -6.67 27.94
N TYR A 263 -6.37 -5.39 27.90
CA TYR A 263 -7.65 -4.87 27.39
C TYR A 263 -7.44 -4.44 25.92
N LEU A 264 -8.44 -4.69 25.08
CA LEU A 264 -8.36 -4.45 23.63
C LEU A 264 -9.74 -4.11 23.05
N ASN A 265 -9.77 -3.17 22.11
CA ASN A 265 -10.92 -2.98 21.22
C ASN A 265 -10.39 -3.23 19.79
N PRO A 266 -10.43 -4.51 19.33
CA PRO A 266 -9.72 -4.89 18.09
C PRO A 266 -10.12 -4.16 16.80
N LYS A 267 -11.41 -3.95 16.60
CA LYS A 267 -11.92 -3.20 15.43
C LYS A 267 -11.62 -1.69 15.50
N GLY A 268 -11.31 -1.16 16.69
CA GLY A 268 -11.01 0.25 16.89
C GLY A 268 -12.26 1.11 17.03
N ASP A 269 -13.34 0.52 17.56
CA ASP A 269 -14.69 1.11 17.53
C ASP A 269 -15.30 1.33 18.92
N GLY A 270 -14.45 1.51 19.93
CA GLY A 270 -14.85 1.49 21.36
C GLY A 270 -15.55 0.27 21.94
N LYS A 271 -15.42 -0.89 21.29
CA LYS A 271 -16.05 -2.13 21.76
C LYS A 271 -14.96 -2.99 22.39
N TRP A 272 -14.86 -2.89 23.71
CA TRP A 272 -13.73 -3.43 24.46
C TRP A 272 -13.96 -4.85 24.98
N CYS A 273 -12.86 -5.62 25.05
CA CYS A 273 -12.79 -6.95 25.64
C CYS A 273 -11.60 -7.07 26.61
N LYS A 274 -11.76 -7.88 27.67
CA LYS A 274 -10.67 -8.23 28.59
C LYS A 274 -10.13 -9.58 28.15
N PHE A 275 -8.83 -9.65 27.86
CA PHE A 275 -8.14 -10.91 27.50
C PHE A 275 -7.33 -11.41 28.70
N ASP A 276 -7.94 -12.31 29.49
CA ASP A 276 -7.36 -12.89 30.70
C ASP A 276 -7.00 -14.35 30.40
N ASP A 277 -5.87 -14.51 29.71
CA ASP A 277 -5.41 -15.81 29.17
C ASP A 277 -6.52 -16.56 28.42
N ASP A 278 -6.96 -17.74 28.89
CA ASP A 278 -7.98 -18.54 28.20
C ASP A 278 -9.39 -17.90 28.19
N VAL A 279 -9.66 -17.00 29.15
CA VAL A 279 -10.95 -16.33 29.29
C VAL A 279 -10.91 -14.96 28.64
N VAL A 280 -11.47 -14.87 27.43
CA VAL A 280 -11.77 -13.59 26.76
C VAL A 280 -13.24 -13.26 27.04
N SER A 281 -13.50 -12.04 27.50
CA SER A 281 -14.84 -11.56 27.90
C SER A 281 -15.03 -10.10 27.53
N ARG A 282 -16.29 -9.70 27.33
CA ARG A 282 -16.63 -8.30 27.04
C ARG A 282 -16.58 -7.48 28.32
N CYS A 283 -16.21 -6.20 28.16
CA CYS A 283 -16.14 -5.23 29.25
C CYS A 283 -16.53 -3.83 28.76
N THR A 284 -16.71 -2.92 29.73
CA THR A 284 -16.98 -1.51 29.44
C THR A 284 -15.70 -0.81 29.02
N LYS A 285 -15.83 0.37 28.41
CA LYS A 285 -14.70 1.32 28.19
C LYS A 285 -13.98 1.63 29.49
N GLU A 286 -14.78 1.83 30.53
CA GLU A 286 -14.35 2.30 31.84
C GLU A 286 -13.55 1.23 32.59
N GLU A 287 -13.94 -0.04 32.49
CA GLU A 287 -13.11 -1.15 32.98
C GLU A 287 -11.76 -1.24 32.27
N ALA A 288 -11.77 -0.98 30.97
CA ALA A 288 -10.56 -0.97 30.13
C ALA A 288 -9.68 0.29 30.26
N ILE A 289 -10.30 1.46 30.46
CA ILE A 289 -9.61 2.76 30.53
C ILE A 289 -9.53 3.25 32.00
N GLU A 290 -10.60 3.86 32.51
CA GLU A 290 -10.61 4.55 33.83
C GLU A 290 -10.16 3.66 35.00
N HIS A 291 -10.68 2.43 35.05
CA HIS A 291 -10.40 1.50 36.15
C HIS A 291 -8.97 0.90 36.15
N ASN A 292 -8.17 1.14 35.10
CA ASN A 292 -6.72 0.82 35.07
C ASN A 292 -5.76 2.02 35.22
N TYR A 293 -6.28 3.13 35.76
CA TYR A 293 -5.48 4.33 36.03
C TYR A 293 -4.56 4.14 37.24
N GLY A 294 -5.07 3.50 38.28
CA GLY A 294 -4.27 3.14 39.46
C GLY A 294 -4.62 4.00 40.65
N GLY A 295 -3.62 4.35 41.48
CA GLY A 295 -3.86 4.86 42.84
C GLY A 295 -4.14 3.72 43.78
N HIS A 296 -4.67 4.05 44.96
CA HIS A 296 -4.96 3.07 46.02
C HIS A 296 -6.38 3.28 46.57
N THR A 306 -3.42 -2.75 40.84
CA THR A 306 -3.67 -2.74 39.40
C THR A 306 -3.09 -1.50 38.69
N ASN A 307 -2.16 -1.72 37.75
CA ASN A 307 -1.44 -0.65 37.04
C ASN A 307 -1.35 -0.99 35.56
N ALA A 308 -1.71 -0.04 34.69
CA ALA A 308 -1.38 -0.15 33.27
C ALA A 308 0.12 0.16 33.11
N TYR A 309 0.80 -0.62 32.28
CA TYR A 309 2.24 -0.44 31.99
C TYR A 309 2.62 -0.26 30.52
N MET A 310 1.82 -0.76 29.59
CA MET A 310 1.97 -0.46 28.16
C MET A 310 0.63 -0.04 27.58
N LEU A 311 0.65 0.92 26.65
CA LEU A 311 -0.51 1.33 25.88
C LEU A 311 -0.17 1.34 24.40
N VAL A 312 -1.13 0.93 23.56
CA VAL A 312 -1.00 0.96 22.10
C VAL A 312 -2.05 1.92 21.57
N TYR A 313 -1.58 2.92 20.82
CA TYR A 313 -2.43 3.84 20.07
C TYR A 313 -2.24 3.58 18.56
N ILE A 314 -3.32 3.78 17.80
CA ILE A 314 -3.29 3.76 16.32
C ILE A 314 -3.71 5.14 15.84
N ARG A 315 -2.98 5.63 14.83
CA ARG A 315 -3.29 6.92 14.21
C ARG A 315 -4.62 6.87 13.44
N GLU A 316 -5.43 7.92 13.59
CA GLU A 316 -6.79 7.96 13.05
C GLU A 316 -6.82 7.80 11.52
N SER A 317 -5.94 8.54 10.84
CA SER A 317 -5.72 8.40 9.39
C SER A 317 -5.26 7.02 8.89
N LYS A 318 -4.59 6.24 9.75
CA LYS A 318 -4.10 4.88 9.42
C LYS A 318 -4.97 3.69 9.89
N LEU A 319 -6.09 3.98 10.57
CA LEU A 319 -6.89 2.95 11.27
C LEU A 319 -7.47 1.85 10.38
N SER A 320 -8.03 2.23 9.25
CA SER A 320 -8.57 1.32 8.24
C SER A 320 -7.53 0.38 7.62
N GLU A 321 -6.32 0.90 7.42
CA GLU A 321 -5.22 0.14 6.83
C GLU A 321 -4.62 -0.82 7.87
N VAL A 322 -4.37 -0.32 9.09
CA VAL A 322 -3.79 -1.13 10.17
C VAL A 322 -4.75 -2.25 10.63
N LEU A 323 -6.03 -1.92 10.83
CA LEU A 323 -7.07 -2.88 11.23
C LEU A 323 -7.93 -3.36 10.05
N GLN A 324 -7.33 -3.44 8.85
CA GLN A 324 -7.96 -4.06 7.67
C GLN A 324 -8.39 -5.48 7.95
N ALA A 325 -9.58 -5.85 7.46
CA ALA A 325 -10.16 -7.18 7.72
C ALA A 325 -9.26 -8.30 7.20
N VAL A 326 -9.12 -9.34 8.02
CA VAL A 326 -8.43 -10.56 7.64
C VAL A 326 -9.50 -11.59 7.26
N THR A 327 -9.13 -12.41 6.29
CA THR A 327 -9.92 -13.56 5.91
C THR A 327 -9.00 -14.76 5.98
N ASP A 328 -9.61 -15.94 5.95
CA ASP A 328 -8.83 -17.20 5.93
C ASP A 328 -8.05 -17.35 4.61
N HIS A 329 -8.50 -16.69 3.54
CA HIS A 329 -7.80 -16.59 2.24
C HIS A 329 -6.42 -15.88 2.32
N ASP A 330 -6.24 -14.98 3.28
CA ASP A 330 -4.95 -14.29 3.51
C ASP A 330 -3.80 -15.17 4.05
N ILE A 331 -4.08 -16.42 4.45
CA ILE A 331 -3.05 -17.37 4.89
C ILE A 331 -2.76 -18.28 3.69
N PRO A 332 -1.50 -18.28 3.18
CA PRO A 332 -1.14 -19.15 2.04
C PRO A 332 -1.48 -20.62 2.25
N GLN A 333 -1.85 -21.32 1.18
CA GLN A 333 -2.31 -22.72 1.26
C GLN A 333 -1.22 -23.66 1.80
N GLN A 334 0.03 -23.42 1.35
CA GLN A 334 1.23 -24.16 1.83
C GLN A 334 1.45 -24.09 3.34
N LEU A 335 1.26 -22.90 3.92
CA LEU A 335 1.33 -22.72 5.39
C LEU A 335 0.20 -23.44 6.11
N VAL A 336 -1.02 -23.32 5.59
CA VAL A 336 -2.23 -23.95 6.18
C VAL A 336 -2.04 -25.48 6.22
N GLU A 337 -1.59 -26.06 5.12
CA GLU A 337 -1.30 -27.51 5.02
C GLU A 337 -0.19 -27.98 5.95
N ARG A 338 0.85 -27.17 6.13
CA ARG A 338 1.97 -27.47 7.05
C ARG A 338 1.56 -27.44 8.54
N LEU A 339 0.75 -26.45 8.92
CA LEU A 339 0.25 -26.33 10.31
C LEU A 339 -0.80 -27.40 10.67
N GLN A 340 -1.64 -27.77 9.71
CA GLN A 340 -2.56 -28.92 9.87
C GLN A 340 -1.85 -30.29 9.90
N GLU A 341 -0.75 -30.43 9.16
CA GLU A 341 0.12 -31.62 9.25
C GLU A 341 0.70 -31.82 10.66
N GLU A 342 1.03 -30.72 11.34
CA GLU A 342 1.44 -30.76 12.76
C GLU A 342 0.31 -31.21 13.68
N LYS A 343 -0.87 -30.61 13.49
CA LYS A 343 -2.07 -30.94 14.29
C LYS A 343 -2.56 -32.39 14.13
N ARG A 344 -2.41 -32.95 12.93
CA ARG A 344 -2.71 -34.39 12.68
C ARG A 344 -1.70 -35.32 13.37
N ILE A 345 -0.40 -35.07 13.16
CA ILE A 345 0.68 -35.93 13.71
C ILE A 345 0.75 -35.85 15.24
N GLU A 346 0.61 -34.65 15.81
CA GLU A 346 0.59 -34.46 17.27
C GLU A 346 -0.66 -35.05 17.96
N ALA A 347 -1.82 -34.98 17.30
CA ALA A 347 -3.03 -35.70 17.75
C ALA A 347 -2.93 -37.20 17.47
N SER B 2 3.51 20.92 -9.05
CA SER B 2 4.27 21.09 -7.75
C SER B 2 3.72 20.19 -6.62
N LYS B 3 4.63 19.59 -5.85
CA LYS B 3 4.26 18.62 -4.78
C LYS B 3 3.60 19.24 -3.54
N LYS B 4 3.99 20.47 -3.17
CA LYS B 4 3.43 21.15 -1.98
C LYS B 4 1.91 21.38 -2.05
N HIS B 5 1.41 21.78 -3.22
CA HIS B 5 -0.03 22.08 -3.43
C HIS B 5 -0.88 20.81 -3.52
N THR B 6 -0.56 19.96 -4.50
CA THR B 6 -1.36 18.75 -4.83
C THR B 6 -0.99 17.45 -4.10
N GLY B 7 0.25 17.34 -3.61
CA GLY B 7 0.82 16.09 -3.12
C GLY B 7 1.61 15.27 -4.15
N TYR B 8 1.53 15.64 -5.44
CA TYR B 8 2.09 14.85 -6.55
C TYR B 8 3.05 15.70 -7.38
N VAL B 9 4.18 15.10 -7.80
CA VAL B 9 5.09 15.74 -8.78
C VAL B 9 4.81 15.35 -10.21
N GLY B 10 5.19 16.29 -11.09
CA GLY B 10 5.15 16.14 -12.51
C GLY B 10 6.47 15.70 -13.09
N LEU B 11 6.44 15.48 -14.40
CA LEU B 11 7.60 15.03 -15.19
C LEU B 11 8.19 16.21 -15.95
N LYS B 12 9.42 16.04 -16.44
CA LYS B 12 10.04 17.04 -17.32
C LYS B 12 9.29 17.12 -18.64
N ASN B 13 9.52 18.23 -19.36
CA ASN B 13 8.75 18.57 -20.56
C ASN B 13 8.84 17.48 -21.65
N GLN B 14 7.79 17.38 -22.47
CA GLN B 14 7.74 16.36 -23.54
C GLN B 14 8.77 16.65 -24.64
N GLY B 15 8.52 17.65 -25.49
CA GLY B 15 9.16 17.76 -26.80
C GLY B 15 8.82 16.53 -27.63
N ALA B 16 9.86 15.86 -28.13
CA ALA B 16 9.75 14.60 -28.90
C ALA B 16 8.98 13.44 -28.22
N THR B 17 9.00 13.43 -26.89
CA THR B 17 8.30 12.44 -26.03
C THR B 17 6.80 12.20 -26.25
N CYS B 18 6.04 13.25 -26.58
CA CYS B 18 4.59 13.17 -26.85
C CYS B 18 3.75 12.67 -25.65
N TYR B 19 3.35 11.41 -25.67
CA TYR B 19 2.26 10.87 -24.80
C TYR B 19 2.82 10.00 -23.65
N MET B 20 4.14 9.93 -23.51
CA MET B 20 4.78 9.05 -22.53
C MET B 20 4.50 9.53 -21.12
N ASN B 21 4.65 10.83 -20.87
CA ASN B 21 4.41 11.42 -19.54
C ASN B 21 2.99 11.14 -19.03
N SER B 22 2.01 11.25 -19.93
CA SER B 22 0.63 10.90 -19.66
C SER B 22 0.43 9.43 -19.25
N LEU B 23 1.11 8.53 -19.95
CA LEU B 23 1.08 7.10 -19.65
C LEU B 23 1.85 6.77 -18.36
N LEU B 24 3.00 7.40 -18.15
CA LEU B 24 3.82 7.15 -16.95
C LEU B 24 3.08 7.50 -15.66
N GLN B 25 2.37 8.62 -15.65
CA GLN B 25 1.55 9.04 -14.48
C GLN B 25 0.38 8.09 -14.25
N THR B 26 -0.24 7.66 -15.35
CA THR B 26 -1.31 6.65 -15.32
C THR B 26 -0.87 5.29 -14.72
N LEU B 27 0.28 4.79 -15.16
CA LEU B 27 0.86 3.55 -14.62
C LEU B 27 1.39 3.73 -13.18
N PHE B 28 2.01 4.86 -12.89
CA PHE B 28 2.49 5.19 -11.53
C PHE B 28 1.37 5.16 -10.50
N PHE B 29 0.24 5.79 -10.84
CA PHE B 29 -0.95 5.80 -9.97
C PHE B 29 -1.83 4.56 -10.05
N THR B 30 -1.46 3.57 -10.86
CA THR B 30 -1.94 2.19 -10.70
C THR B 30 -1.07 1.59 -9.59
N ASN B 31 -1.46 1.83 -8.33
CA ASN B 31 -0.57 1.59 -7.16
C ASN B 31 -0.09 0.15 -6.99
N GLN B 32 -0.98 -0.81 -7.24
CA GLN B 32 -0.63 -2.26 -7.18
C GLN B 32 0.44 -2.65 -8.18
N LEU B 33 0.41 -2.04 -9.38
CA LEU B 33 1.50 -2.18 -10.35
C LEU B 33 2.81 -1.55 -9.83
N ARG B 34 2.71 -0.34 -9.27
CA ARG B 34 3.88 0.40 -8.74
C ARG B 34 4.63 -0.42 -7.68
N LYS B 35 3.88 -1.01 -6.73
CA LYS B 35 4.44 -1.91 -5.72
C LYS B 35 5.13 -3.11 -6.35
N ALA B 36 4.49 -3.70 -7.35
CA ALA B 36 5.07 -4.82 -8.11
C ALA B 36 6.35 -4.49 -8.88
N VAL B 37 6.38 -3.28 -9.46
CA VAL B 37 7.57 -2.76 -10.17
C VAL B 37 8.77 -2.61 -9.22
N TYR B 38 8.53 -2.06 -8.02
CA TYR B 38 9.58 -1.97 -6.96
C TYR B 38 10.16 -3.34 -6.52
N MET B 39 9.31 -4.37 -6.53
CA MET B 39 9.72 -5.76 -6.21
C MET B 39 10.60 -6.50 -7.23
N MET B 40 10.71 -6.01 -8.48
CA MET B 40 11.46 -6.70 -9.54
C MET B 40 12.95 -6.84 -9.16
N PRO B 41 13.53 -8.06 -9.30
CA PRO B 41 14.92 -8.27 -8.91
C PRO B 41 15.90 -7.73 -9.96
N THR B 42 16.07 -6.41 -9.95
CA THR B 42 16.91 -5.68 -10.92
C THR B 42 18.35 -5.40 -10.41
N GLU B 43 18.80 -6.06 -9.34
CA GLU B 43 20.16 -5.86 -8.79
C GLU B 43 21.27 -6.19 -9.81
N GLY B 44 21.07 -7.25 -10.60
CA GLY B 44 22.01 -7.66 -11.64
C GLY B 44 22.00 -6.83 -12.92
N ASP B 45 20.89 -6.15 -13.20
CA ASP B 45 20.67 -5.43 -14.47
C ASP B 45 21.68 -4.31 -14.77
N ASP B 46 21.78 -3.97 -16.06
CA ASP B 46 22.59 -2.84 -16.54
C ASP B 46 21.86 -1.52 -16.24
N SER B 47 22.58 -0.53 -15.73
CA SER B 47 22.03 0.80 -15.38
C SER B 47 21.37 1.53 -16.54
N SER B 48 21.96 1.43 -17.72
CA SER B 48 21.52 2.15 -18.92
C SER B 48 20.48 1.36 -19.73
N LYS B 49 20.82 0.11 -20.05
CA LYS B 49 20.06 -0.72 -21.00
C LYS B 49 18.76 -1.35 -20.47
N SER B 50 18.62 -1.49 -19.15
CA SER B 50 17.46 -2.17 -18.54
C SER B 50 16.18 -1.31 -18.49
N VAL B 51 15.15 -1.74 -19.20
CA VAL B 51 13.83 -1.08 -19.17
C VAL B 51 13.12 -1.28 -17.81
N PRO B 52 13.18 -2.50 -17.21
CA PRO B 52 12.66 -2.69 -15.83
C PRO B 52 13.26 -1.73 -14.79
N LEU B 53 14.58 -1.57 -14.80
CA LEU B 53 15.26 -0.66 -13.87
C LEU B 53 14.93 0.81 -14.12
N ALA B 54 14.88 1.21 -15.39
CA ALA B 54 14.54 2.59 -15.76
C ALA B 54 13.13 3.02 -15.36
N LEU B 55 12.20 2.07 -15.30
CA LEU B 55 10.82 2.32 -14.86
C LEU B 55 10.72 2.38 -13.34
N GLN B 56 11.52 1.56 -12.63
CA GLN B 56 11.72 1.71 -11.19
C GLN B 56 12.29 3.08 -10.81
N ARG B 57 13.20 3.62 -11.63
CA ARG B 57 13.82 4.93 -11.39
C ARG B 57 12.82 6.08 -11.49
N VAL B 58 12.01 6.09 -12.55
CA VAL B 58 10.93 7.08 -12.71
C VAL B 58 9.93 7.03 -11.55
N PHE B 59 9.43 5.82 -11.29
CA PHE B 59 8.47 5.55 -10.20
C PHE B 59 9.02 5.96 -8.83
N TYR B 60 10.27 5.60 -8.54
CA TYR B 60 10.97 6.08 -7.34
C TYR B 60 10.95 7.61 -7.26
N GLU B 61 11.39 8.25 -8.34
CA GLU B 61 11.53 9.71 -8.38
C GLU B 61 10.18 10.45 -8.35
N LEU B 62 9.16 9.92 -9.04
CA LEU B 62 7.78 10.41 -8.90
C LEU B 62 7.25 10.33 -7.46
N GLN B 63 7.64 9.27 -6.74
CA GLN B 63 7.29 9.10 -5.33
C GLN B 63 8.05 9.98 -4.34
N HIS B 64 9.32 10.27 -4.62
CA HIS B 64 10.24 10.99 -3.69
C HIS B 64 10.65 12.43 -4.06
N SER B 65 10.72 12.77 -5.35
CA SER B 65 11.24 14.08 -5.78
C SER B 65 10.24 15.20 -5.49
N ASP B 66 10.77 16.38 -5.19
CA ASP B 66 10.04 17.65 -5.22
C ASP B 66 10.16 18.29 -6.61
N LYS B 67 11.36 18.24 -7.19
CA LYS B 67 11.62 18.73 -8.54
C LYS B 67 11.03 17.79 -9.62
N PRO B 68 10.80 18.30 -10.86
CA PRO B 68 10.31 17.42 -11.95
C PRO B 68 11.26 16.29 -12.36
N VAL B 69 10.69 15.15 -12.72
CA VAL B 69 11.40 13.89 -12.96
C VAL B 69 11.74 13.73 -14.44
N GLY B 70 13.01 13.45 -14.73
CA GLY B 70 13.47 13.21 -16.09
C GLY B 70 13.15 11.79 -16.58
N THR B 71 13.00 11.68 -17.91
CA THR B 71 12.70 10.42 -18.61
C THR B 71 13.77 10.00 -19.64
N LYS B 72 14.92 10.67 -19.66
CA LYS B 72 15.95 10.45 -20.70
C LYS B 72 16.65 9.09 -20.58
N LYS B 73 16.94 8.67 -19.35
CA LYS B 73 17.41 7.29 -19.07
C LYS B 73 16.40 6.22 -19.49
N LEU B 74 15.11 6.51 -19.30
CA LEU B 74 14.03 5.59 -19.69
C LEU B 74 13.81 5.50 -21.21
N THR B 75 13.86 6.63 -21.93
CA THR B 75 13.72 6.61 -23.40
C THR B 75 14.89 5.92 -24.11
N LYS B 76 16.11 6.14 -23.61
CA LYS B 76 17.32 5.45 -24.08
C LYS B 76 17.27 3.92 -23.87
N SER B 77 16.55 3.46 -22.83
CA SER B 77 16.48 2.03 -22.52
C SER B 77 15.68 1.20 -23.55
N PHE B 78 14.49 1.68 -23.94
CA PHE B 78 13.64 1.00 -24.97
C PHE B 78 13.75 1.57 -26.41
N GLY B 79 14.75 2.41 -26.67
CA GLY B 79 15.11 2.80 -28.05
C GLY B 79 14.24 3.78 -28.82
N TRP B 80 13.30 4.46 -28.16
CA TRP B 80 12.40 5.47 -28.78
C TRP B 80 12.91 6.86 -28.40
N GLU B 81 13.99 7.28 -29.07
CA GLU B 81 14.65 8.56 -28.79
C GLU B 81 14.08 9.71 -29.64
N THR B 82 13.83 9.45 -30.94
CA THR B 82 13.30 10.45 -31.88
C THR B 82 11.78 10.71 -31.75
N LEU B 83 11.32 11.87 -32.23
CA LEU B 83 9.89 12.24 -32.27
C LEU B 83 9.07 11.33 -33.19
N ASP B 84 9.65 11.00 -34.35
CA ASP B 84 9.08 10.03 -35.30
C ASP B 84 8.71 8.68 -34.65
N SER B 85 9.60 8.19 -33.78
CA SER B 85 9.39 6.93 -33.05
C SER B 85 8.18 6.94 -32.11
N PHE B 86 7.81 8.10 -31.56
CA PHE B 86 6.53 8.26 -30.83
C PHE B 86 5.31 8.43 -31.74
N MET B 87 5.42 9.27 -32.78
CA MET B 87 4.28 9.57 -33.67
C MET B 87 3.80 8.39 -34.51
N GLN B 88 4.73 7.54 -34.97
CA GLN B 88 4.38 6.26 -35.66
C GLN B 88 3.56 5.31 -34.80
N HIS B 89 3.84 5.27 -33.49
CA HIS B 89 3.13 4.39 -32.53
C HIS B 89 1.98 5.10 -31.82
N ASP B 90 1.15 4.30 -31.16
CA ASP B 90 0.06 4.77 -30.31
C ASP B 90 0.35 4.33 -28.88
N VAL B 91 -0.47 4.86 -27.97
CA VAL B 91 -0.28 4.69 -26.51
C VAL B 91 -0.33 3.23 -26.06
N GLN B 92 -1.26 2.44 -26.62
CA GLN B 92 -1.36 1.02 -26.32
C GLN B 92 -0.15 0.17 -26.68
N GLU B 93 0.55 0.57 -27.74
CA GLU B 93 1.78 -0.10 -28.17
C GLU B 93 2.91 0.21 -27.21
N LEU B 94 3.01 1.48 -26.80
CA LEU B 94 4.00 1.92 -25.81
C LEU B 94 3.81 1.24 -24.46
N CYS B 95 2.56 1.23 -23.99
CA CYS B 95 2.20 0.55 -22.74
C CYS B 95 2.51 -0.94 -22.78
N ARG B 96 2.26 -1.57 -23.94
CA ARG B 96 2.61 -2.97 -24.16
C ARG B 96 4.13 -3.22 -24.05
N VAL B 97 4.93 -2.32 -24.62
CA VAL B 97 6.41 -2.40 -24.56
C VAL B 97 6.94 -2.35 -23.12
N LEU B 98 6.37 -1.47 -22.30
CA LEU B 98 6.77 -1.33 -20.89
C LEU B 98 6.34 -2.52 -20.05
N LEU B 99 5.07 -2.92 -20.18
CA LEU B 99 4.50 -4.01 -19.36
C LEU B 99 5.01 -5.42 -19.72
N ASP B 100 5.39 -5.66 -20.97
CA ASP B 100 6.06 -6.92 -21.37
C ASP B 100 7.41 -7.10 -20.68
N ASN B 101 8.21 -6.03 -20.70
CA ASN B 101 9.47 -5.99 -19.95
C ASN B 101 9.26 -6.26 -18.47
N VAL B 102 8.29 -5.55 -17.89
CA VAL B 102 7.93 -5.70 -16.47
C VAL B 102 7.47 -7.14 -16.17
N GLU B 103 6.53 -7.67 -16.97
CA GLU B 103 6.00 -9.04 -16.78
C GLU B 103 7.07 -10.12 -16.86
N ASN B 104 7.96 -10.00 -17.84
CA ASN B 104 9.07 -10.95 -18.02
C ASN B 104 10.03 -10.96 -16.83
N LYS B 105 10.40 -9.77 -16.35
CA LYS B 105 11.24 -9.62 -15.16
C LYS B 105 10.58 -10.16 -13.87
N MET B 106 9.26 -10.01 -13.76
CA MET B 106 8.49 -10.55 -12.61
C MET B 106 8.30 -12.09 -12.58
N LYS B 107 8.67 -12.81 -13.65
CA LYS B 107 8.59 -14.28 -13.65
C LYS B 107 9.58 -14.89 -12.67
N GLY B 108 9.14 -15.94 -11.98
CA GLY B 108 9.87 -16.55 -10.88
C GLY B 108 10.00 -15.72 -9.60
N THR B 109 9.18 -14.67 -9.45
CA THR B 109 9.19 -13.78 -8.27
C THR B 109 7.87 -13.87 -7.52
N CYS B 110 7.86 -13.30 -6.31
CA CYS B 110 6.64 -13.18 -5.48
C CYS B 110 5.52 -12.36 -6.14
N VAL B 111 5.87 -11.45 -7.06
CA VAL B 111 4.92 -10.61 -7.77
C VAL B 111 4.65 -11.02 -9.24
N GLU B 112 4.90 -12.30 -9.57
CA GLU B 112 4.57 -12.88 -10.90
C GLU B 112 3.05 -12.84 -11.16
N GLY B 113 2.71 -12.61 -12.42
CA GLY B 113 1.32 -12.54 -12.87
C GLY B 113 0.56 -11.29 -12.51
N THR B 114 1.24 -10.24 -12.03
CA THR B 114 0.60 -8.96 -11.69
C THR B 114 0.05 -8.23 -12.92
N ILE B 115 0.77 -8.28 -14.04
CA ILE B 115 0.32 -7.64 -15.30
C ILE B 115 -0.99 -8.27 -15.81
N PRO B 116 -1.04 -9.61 -16.01
CA PRO B 116 -2.32 -10.20 -16.42
C PRO B 116 -3.45 -10.15 -15.37
N LYS B 117 -3.10 -10.15 -14.08
CA LYS B 117 -4.08 -9.95 -13.01
C LYS B 117 -4.74 -8.59 -13.14
N LEU B 118 -3.94 -7.55 -13.38
CA LEU B 118 -4.47 -6.17 -13.46
C LEU B 118 -5.15 -5.81 -14.76
N PHE B 119 -4.57 -6.20 -15.90
CA PHE B 119 -4.95 -5.69 -17.24
C PHE B 119 -5.57 -6.69 -18.25
N ARG B 120 -5.37 -8.00 -18.07
CA ARG B 120 -5.86 -9.01 -19.05
C ARG B 120 -7.34 -9.37 -18.86
N GLY B 121 -8.14 -9.14 -19.90
CA GLY B 121 -9.49 -9.71 -20.05
C GLY B 121 -9.49 -10.73 -21.18
N LYS B 122 -10.60 -11.44 -21.32
CA LYS B 122 -10.78 -12.48 -22.35
C LYS B 122 -12.02 -12.19 -23.19
N MET B 123 -11.92 -12.41 -24.51
CA MET B 123 -13.07 -12.31 -25.43
C MET B 123 -13.11 -13.46 -26.43
N VAL B 124 -14.31 -13.74 -26.94
CA VAL B 124 -14.56 -14.71 -28.02
C VAL B 124 -14.92 -13.93 -29.28
N SER B 125 -14.14 -14.16 -30.36
CA SER B 125 -14.53 -13.79 -31.72
C SER B 125 -15.14 -15.02 -32.40
N TYR B 126 -16.24 -14.84 -33.12
CA TYR B 126 -16.93 -15.93 -33.86
C TYR B 126 -17.35 -15.51 -35.27
N ILE B 127 -17.37 -16.48 -36.19
CA ILE B 127 -17.96 -16.34 -37.53
C ILE B 127 -18.93 -17.52 -37.69
N GLN B 128 -20.23 -17.24 -37.72
CA GLN B 128 -21.32 -18.24 -37.88
C GLN B 128 -21.92 -18.13 -39.26
N CYS B 129 -21.86 -19.22 -40.05
CA CYS B 129 -22.56 -19.29 -41.36
C CYS B 129 -24.07 -19.40 -41.14
N LYS B 130 -24.84 -18.60 -41.88
CA LYS B 130 -26.29 -18.51 -41.69
C LYS B 130 -27.03 -19.75 -42.24
N GLU B 131 -26.78 -20.06 -43.51
CA GLU B 131 -27.45 -21.19 -44.24
C GLU B 131 -26.66 -22.53 -44.32
N VAL B 132 -25.60 -22.68 -43.51
CA VAL B 132 -24.74 -23.90 -43.47
C VAL B 132 -24.27 -24.12 -42.02
N ASP B 133 -24.02 -25.37 -41.65
CA ASP B 133 -23.52 -25.74 -40.31
C ASP B 133 -21.98 -25.64 -40.27
N TYR B 134 -21.49 -24.41 -40.06
CA TYR B 134 -20.07 -24.14 -39.78
C TYR B 134 -19.92 -22.90 -38.90
N ARG B 135 -19.06 -23.01 -37.87
CA ARG B 135 -18.77 -21.93 -36.91
C ARG B 135 -17.29 -21.95 -36.49
N SER B 136 -16.56 -20.89 -36.79
CA SER B 136 -15.16 -20.70 -36.35
C SER B 136 -15.16 -19.83 -35.10
N ASP B 137 -14.47 -20.29 -34.05
CA ASP B 137 -14.32 -19.58 -32.77
C ASP B 137 -12.83 -19.36 -32.45
N ARG B 138 -12.51 -18.18 -31.94
CA ARG B 138 -11.18 -17.86 -31.37
C ARG B 138 -11.41 -17.26 -29.99
N ARG B 139 -10.86 -17.89 -28.96
CA ARG B 139 -10.68 -17.24 -27.65
C ARG B 139 -9.44 -16.35 -27.77
N GLU B 140 -9.52 -15.13 -27.25
CA GLU B 140 -8.43 -14.15 -27.31
C GLU B 140 -8.30 -13.44 -25.98
N ASP B 141 -7.07 -13.38 -25.46
CA ASP B 141 -6.70 -12.42 -24.43
C ASP B 141 -6.60 -11.02 -25.05
N TYR B 142 -7.04 -10.01 -24.30
CA TYR B 142 -6.75 -8.59 -24.62
C TYR B 142 -6.24 -7.89 -23.37
N TYR B 143 -5.36 -6.92 -23.58
CA TYR B 143 -4.90 -5.98 -22.53
C TYR B 143 -5.48 -4.56 -22.68
N ASP B 144 -6.19 -4.29 -23.77
CA ASP B 144 -6.77 -2.99 -24.08
C ASP B 144 -7.85 -3.12 -25.16
N ILE B 145 -8.74 -2.14 -25.22
CA ILE B 145 -9.84 -2.12 -26.19
C ILE B 145 -9.76 -0.80 -26.94
N GLN B 146 -9.92 -0.89 -28.25
CA GLN B 146 -9.96 0.27 -29.13
C GLN B 146 -11.42 0.47 -29.50
N LEU B 147 -12.02 1.56 -29.02
CA LEU B 147 -13.45 1.85 -29.22
C LEU B 147 -13.67 2.84 -30.39
N SER B 148 -14.71 2.58 -31.19
CA SER B 148 -15.12 3.46 -32.30
C SER B 148 -15.98 4.60 -31.73
N ILE B 149 -15.71 5.83 -32.16
CA ILE B 149 -16.44 7.04 -31.71
C ILE B 149 -17.20 7.83 -32.79
N LYS B 150 -16.87 7.64 -34.07
CA LYS B 150 -17.55 8.36 -35.18
C LYS B 150 -19.01 7.92 -35.24
N GLY B 151 -19.92 8.89 -35.00
CA GLY B 151 -21.35 8.61 -34.91
C GLY B 151 -21.85 7.97 -33.62
N LYS B 152 -20.99 7.84 -32.62
CA LYS B 152 -21.34 7.29 -31.32
C LYS B 152 -21.42 8.46 -30.35
N LYS B 153 -22.53 8.55 -29.63
CA LYS B 153 -22.74 9.55 -28.58
C LYS B 153 -21.80 9.36 -27.40
N ASN B 154 -21.53 8.10 -27.04
CA ASN B 154 -20.86 7.78 -25.77
C ASN B 154 -20.25 6.37 -25.72
N ILE B 155 -19.53 6.10 -24.63
CA ILE B 155 -18.92 4.77 -24.34
C ILE B 155 -19.92 3.61 -24.43
N PHE B 156 -21.11 3.80 -23.86
CA PHE B 156 -22.19 2.82 -23.96
C PHE B 156 -22.43 2.42 -25.44
N GLU B 157 -22.64 3.42 -26.28
CA GLU B 157 -22.87 3.20 -27.73
C GLU B 157 -21.67 2.59 -28.48
N SER B 158 -20.45 2.95 -28.09
CA SER B 158 -19.23 2.33 -28.65
C SER B 158 -19.08 0.87 -28.31
N PHE B 159 -19.41 0.52 -27.05
CA PHE B 159 -19.45 -0.89 -26.61
C PHE B 159 -20.54 -1.68 -27.31
N VAL B 160 -21.72 -1.08 -27.48
CA VAL B 160 -22.81 -1.67 -28.29
C VAL B 160 -22.32 -1.97 -29.72
N ASP B 161 -21.64 -1.00 -30.34
CA ASP B 161 -21.04 -1.18 -31.67
C ASP B 161 -19.89 -2.20 -31.68
N TYR B 162 -19.10 -2.23 -30.63
CA TYR B 162 -18.01 -3.22 -30.48
C TYR B 162 -18.50 -4.67 -30.52
N VAL B 163 -19.60 -4.95 -29.81
CA VAL B 163 -20.23 -6.29 -29.80
C VAL B 163 -21.24 -6.57 -30.94
N ALA B 164 -21.71 -5.53 -31.64
CA ALA B 164 -22.75 -5.66 -32.68
C ALA B 164 -22.34 -6.62 -33.80
N VAL B 165 -23.31 -7.38 -34.27
CA VAL B 165 -23.11 -8.47 -35.22
C VAL B 165 -22.99 -7.86 -36.62
N GLU B 166 -21.93 -8.21 -37.34
CA GLU B 166 -21.70 -7.79 -38.73
C GLU B 166 -22.17 -8.88 -39.70
N GLN B 167 -22.93 -8.50 -40.73
CA GLN B 167 -23.34 -9.44 -41.79
C GLN B 167 -22.28 -9.53 -42.88
N LEU B 168 -21.95 -10.75 -43.28
CA LEU B 168 -20.99 -11.04 -44.34
C LEU B 168 -21.80 -11.53 -45.53
N ASP B 169 -22.41 -10.58 -46.25
CA ASP B 169 -23.29 -10.82 -47.42
C ASP B 169 -22.71 -10.25 -48.71
N GLY B 170 -23.32 -10.67 -49.84
CA GLY B 170 -23.09 -10.09 -51.16
C GLY B 170 -21.67 -10.28 -51.69
N ASP B 171 -20.98 -9.16 -51.97
CA ASP B 171 -19.56 -9.18 -52.34
C ASP B 171 -18.63 -9.67 -51.24
N ASN B 172 -19.00 -9.41 -49.97
CA ASN B 172 -18.21 -9.78 -48.77
C ASN B 172 -18.74 -11.03 -48.04
N LYS B 173 -19.06 -12.08 -48.82
CA LYS B 173 -19.43 -13.40 -48.26
C LYS B 173 -18.20 -14.11 -47.68
N TYR B 174 -18.45 -15.06 -46.77
CA TYR B 174 -17.41 -15.74 -45.99
C TYR B 174 -16.88 -17.02 -46.69
N ASP B 175 -15.58 -17.03 -47.01
CA ASP B 175 -14.83 -18.22 -47.48
C ASP B 175 -14.84 -19.30 -46.40
N ALA B 176 -15.73 -20.29 -46.57
CA ALA B 176 -15.95 -21.39 -45.61
C ALA B 176 -15.28 -22.73 -45.99
N GLY B 177 -14.21 -22.68 -46.79
CA GLY B 177 -13.41 -23.86 -47.13
C GLY B 177 -14.13 -24.78 -48.09
N GLU B 178 -14.48 -25.98 -47.60
CA GLU B 178 -15.20 -27.00 -48.39
C GLU B 178 -16.60 -26.55 -48.82
N HIS B 179 -17.21 -25.68 -48.00
CA HIS B 179 -18.55 -25.13 -48.25
C HIS B 179 -18.58 -23.93 -49.23
N GLY B 180 -17.43 -23.40 -49.63
CA GLY B 180 -17.35 -22.27 -50.56
C GLY B 180 -17.77 -20.96 -49.90
N LEU B 181 -18.16 -19.99 -50.73
CA LEU B 181 -18.59 -18.67 -50.22
C LEU B 181 -19.99 -18.79 -49.61
N GLN B 182 -20.15 -18.23 -48.41
CA GLN B 182 -21.38 -18.35 -47.61
C GLN B 182 -21.79 -17.02 -46.98
N GLU B 183 -23.12 -16.83 -46.85
CA GLU B 183 -23.66 -15.81 -45.96
C GLU B 183 -23.29 -16.19 -44.53
N ALA B 184 -22.84 -15.21 -43.74
CA ALA B 184 -22.42 -15.42 -42.36
C ALA B 184 -22.53 -14.18 -41.50
N GLU B 185 -22.52 -14.41 -40.18
CA GLU B 185 -22.56 -13.37 -39.16
C GLU B 185 -21.23 -13.37 -38.37
N LYS B 186 -20.56 -12.22 -38.35
CA LYS B 186 -19.30 -12.01 -37.63
C LYS B 186 -19.58 -11.18 -36.37
N GLY B 187 -18.97 -11.57 -35.25
CA GLY B 187 -19.16 -10.87 -33.97
C GLY B 187 -18.06 -11.08 -32.95
N VAL B 188 -18.11 -10.26 -31.90
CA VAL B 188 -17.20 -10.35 -30.74
C VAL B 188 -18.05 -10.30 -29.45
N LYS B 189 -17.60 -11.03 -28.42
CA LYS B 189 -18.27 -11.07 -27.09
C LYS B 189 -17.22 -11.07 -25.96
N PHE B 190 -17.42 -10.24 -24.94
CA PHE B 190 -16.51 -10.18 -23.78
C PHE B 190 -16.85 -11.29 -22.79
N LEU B 191 -15.86 -12.11 -22.43
CA LEU B 191 -16.02 -13.15 -21.40
C LEU B 191 -15.74 -12.55 -20.02
N THR B 192 -14.62 -11.84 -19.91
CA THR B 192 -14.26 -11.13 -18.68
C THR B 192 -13.67 -9.76 -19.00
N LEU B 193 -13.86 -8.82 -18.07
CA LEU B 193 -13.26 -7.49 -18.09
C LEU B 193 -12.23 -7.42 -16.94
N PRO B 194 -11.03 -6.85 -17.20
CA PRO B 194 -9.97 -6.80 -16.17
C PRO B 194 -10.26 -5.79 -15.03
N PRO B 195 -9.51 -5.87 -13.91
CA PRO B 195 -9.58 -4.83 -12.85
C PRO B 195 -9.25 -3.42 -13.34
N VAL B 196 -8.18 -3.28 -14.12
CA VAL B 196 -7.84 -2.01 -14.77
C VAL B 196 -8.15 -2.11 -16.29
N LEU B 197 -9.11 -1.31 -16.74
CA LEU B 197 -9.60 -1.32 -18.14
C LEU B 197 -9.02 -0.13 -18.92
N HIS B 198 -8.16 -0.43 -19.91
CA HIS B 198 -7.60 0.58 -20.83
C HIS B 198 -8.44 0.69 -22.13
N LEU B 199 -9.14 1.82 -22.28
CA LEU B 199 -9.94 2.13 -23.46
C LEU B 199 -9.27 3.23 -24.26
N GLN B 200 -8.81 2.91 -25.48
CA GLN B 200 -8.41 3.94 -26.46
C GLN B 200 -9.59 4.27 -27.36
N LEU B 201 -9.80 5.57 -27.60
CA LEU B 201 -10.90 6.08 -28.42
C LEU B 201 -10.35 6.36 -29.80
N MET B 202 -10.94 5.74 -30.82
CA MET B 202 -10.47 5.87 -32.22
C MET B 202 -10.72 7.27 -32.81
N ARG B 203 -9.76 8.17 -32.57
CA ARG B 203 -9.76 9.53 -33.13
C ARG B 203 -9.19 9.62 -34.57
N PHE B 204 -8.83 8.48 -35.20
CA PHE B 204 -8.42 8.41 -36.61
C PHE B 204 -9.08 7.22 -37.33
N MET B 205 -9.77 7.49 -38.45
CA MET B 205 -10.35 6.47 -39.35
C MET B 205 -9.69 6.49 -40.73
N TYR B 206 -9.92 5.42 -41.50
CA TYR B 206 -9.48 5.27 -42.89
C TYR B 206 -10.71 5.25 -43.80
N ASP B 207 -10.53 5.68 -45.06
CA ASP B 207 -11.53 5.61 -46.19
C ASP B 207 -13.03 5.82 -45.85
N PRO B 208 -13.49 7.09 -45.76
CA PRO B 208 -14.92 7.43 -45.80
C PRO B 208 -15.32 7.77 -47.26
N GLN B 209 -15.20 6.76 -48.14
CA GLN B 209 -15.23 6.92 -49.61
C GLN B 209 -14.18 7.92 -50.16
N THR B 210 -13.02 8.00 -49.49
CA THR B 210 -11.96 9.02 -49.73
C THR B 210 -10.60 8.45 -49.28
N ASP B 211 -9.63 8.29 -50.17
CA ASP B 211 -8.30 7.74 -49.80
C ASP B 211 -7.47 8.74 -48.95
N GLN B 212 -7.85 8.88 -47.68
CA GLN B 212 -7.24 9.82 -46.74
C GLN B 212 -7.52 9.39 -45.28
N ASN B 213 -6.56 9.65 -44.40
CA ASN B 213 -6.70 9.34 -42.97
C ASN B 213 -7.39 10.50 -42.25
N ILE B 214 -8.70 10.40 -42.08
CA ILE B 214 -9.49 11.48 -41.46
C ILE B 214 -9.35 11.48 -39.94
N LYS B 215 -9.16 12.66 -39.34
CA LYS B 215 -9.23 12.85 -37.88
C LYS B 215 -10.68 13.15 -37.47
N ILE B 216 -11.02 12.73 -36.25
CA ILE B 216 -12.36 12.87 -35.68
C ILE B 216 -12.26 13.74 -34.42
N ASN B 217 -12.66 15.00 -34.52
CA ASN B 217 -12.82 15.94 -33.39
C ASN B 217 -14.23 15.94 -32.73
N ASP B 218 -15.10 14.98 -33.09
CA ASP B 218 -16.49 14.89 -32.58
C ASP B 218 -16.58 14.85 -31.06
N ARG B 219 -17.72 15.35 -30.54
CA ARG B 219 -18.05 15.24 -29.13
C ARG B 219 -18.32 13.77 -28.82
N PHE B 220 -17.58 13.25 -27.83
CA PHE B 220 -17.74 11.89 -27.35
C PHE B 220 -17.75 11.88 -25.82
N GLU B 221 -18.88 11.43 -25.25
CA GLU B 221 -19.16 11.54 -23.81
C GLU B 221 -18.78 10.23 -23.10
N PHE B 222 -18.03 10.34 -22.01
CA PHE B 222 -17.67 9.22 -21.13
C PHE B 222 -18.09 9.56 -19.68
N PRO B 223 -18.70 8.60 -18.95
CA PRO B 223 -19.21 8.89 -17.61
C PRO B 223 -18.20 8.58 -16.50
N GLU B 224 -18.52 9.03 -15.28
CA GLU B 224 -17.71 8.73 -14.09
C GLU B 224 -17.85 7.25 -13.72
N GLN B 225 -19.09 6.82 -13.57
CA GLN B 225 -19.44 5.42 -13.34
C GLN B 225 -19.91 4.78 -14.66
N LEU B 226 -19.35 3.61 -14.96
CA LEU B 226 -19.55 2.90 -16.23
C LEU B 226 -19.95 1.46 -15.92
N PRO B 227 -21.25 1.09 -16.06
CA PRO B 227 -21.67 -0.31 -15.88
C PRO B 227 -21.56 -1.11 -17.18
N LEU B 228 -20.90 -2.27 -17.13
CA LEU B 228 -20.62 -3.09 -18.32
C LEU B 228 -21.12 -4.56 -18.26
N ASP B 229 -22.01 -4.86 -17.30
CA ASP B 229 -22.59 -6.23 -17.18
C ASP B 229 -23.33 -6.69 -18.44
N GLU B 230 -24.06 -5.77 -19.08
CA GLU B 230 -24.81 -6.09 -20.31
C GLU B 230 -23.95 -6.47 -21.52
N PHE B 231 -22.66 -6.11 -21.51
CA PHE B 231 -21.68 -6.55 -22.54
C PHE B 231 -20.92 -7.83 -22.24
N LEU B 232 -21.14 -8.46 -21.07
CA LEU B 232 -20.60 -9.79 -20.78
C LEU B 232 -21.58 -10.90 -21.18
N GLN B 233 -21.04 -12.07 -21.49
CA GLN B 233 -21.84 -13.30 -21.69
C GLN B 233 -22.51 -13.77 -20.40
N LYS B 234 -21.75 -13.82 -19.31
CA LYS B 234 -22.23 -14.18 -17.97
C LYS B 234 -21.81 -13.12 -16.93
N THR B 235 -22.75 -12.78 -16.04
CA THR B 235 -22.61 -11.74 -15.02
C THR B 235 -22.59 -12.36 -13.62
N ASP B 236 -21.49 -12.19 -12.88
CA ASP B 236 -21.39 -12.60 -11.47
C ASP B 236 -22.20 -11.60 -10.61
N PRO B 237 -23.23 -12.07 -9.85
CA PRO B 237 -23.95 -11.14 -8.96
C PRO B 237 -23.14 -10.70 -7.72
N LYS B 238 -22.22 -11.55 -7.25
CA LYS B 238 -21.24 -11.18 -6.20
C LYS B 238 -20.27 -10.03 -6.60
N ASP B 239 -19.96 -9.93 -7.90
CA ASP B 239 -19.02 -8.92 -8.45
C ASP B 239 -19.59 -8.40 -9.81
N PRO B 240 -20.42 -7.34 -9.78
CA PRO B 240 -20.86 -6.74 -11.05
C PRO B 240 -19.73 -5.96 -11.71
N ALA B 241 -19.91 -5.66 -12.98
CA ALA B 241 -18.89 -5.00 -13.82
C ALA B 241 -19.14 -3.49 -13.84
N ASN B 242 -19.16 -2.90 -12.65
CA ASN B 242 -19.29 -1.47 -12.47
C ASN B 242 -17.87 -0.93 -12.40
N TYR B 243 -17.57 0.02 -13.28
CA TYR B 243 -16.26 0.62 -13.44
C TYR B 243 -16.31 2.10 -13.06
N ILE B 244 -15.20 2.59 -12.52
CA ILE B 244 -15.07 3.94 -11.98
C ILE B 244 -13.94 4.63 -12.75
N LEU B 245 -14.17 5.88 -13.17
CA LEU B 245 -13.21 6.62 -14.00
C LEU B 245 -12.00 7.08 -13.17
N HIS B 246 -10.82 6.67 -13.63
CA HIS B 246 -9.52 6.91 -12.97
C HIS B 246 -8.65 7.97 -13.66
N ALA B 247 -8.55 7.89 -14.99
CA ALA B 247 -7.71 8.77 -15.82
C ALA B 247 -8.30 9.07 -17.20
N VAL B 248 -7.95 10.27 -17.71
CA VAL B 248 -8.38 10.78 -19.02
C VAL B 248 -7.14 11.40 -19.67
N LEU B 249 -6.66 10.79 -20.76
CA LEU B 249 -5.51 11.29 -21.52
C LEU B 249 -5.98 12.16 -22.70
N VAL B 250 -5.47 13.40 -22.78
CA VAL B 250 -5.97 14.44 -23.69
C VAL B 250 -4.85 14.89 -24.66
N HIS B 251 -5.26 15.23 -25.88
CA HIS B 251 -4.41 15.88 -26.89
C HIS B 251 -5.08 17.20 -27.32
N SER B 252 -4.28 18.25 -27.47
CA SER B 252 -4.71 19.55 -28.00
C SER B 252 -3.83 19.93 -29.19
N GLY B 253 -4.43 20.65 -30.14
CA GLY B 253 -3.68 21.33 -31.20
C GLY B 253 -3.38 20.48 -32.43
N ASP B 254 -2.13 20.56 -32.90
CA ASP B 254 -1.74 20.00 -34.20
C ASP B 254 -1.53 18.48 -34.17
N ASN B 255 -1.72 17.85 -35.33
CA ASN B 255 -1.39 16.43 -35.55
C ASN B 255 -0.01 16.38 -36.19
N HIS B 256 0.73 15.30 -35.92
CA HIS B 256 2.19 15.26 -36.14
C HIS B 256 2.89 16.30 -35.23
N GLY B 257 2.44 16.32 -33.97
CA GLY B 257 2.79 17.36 -33.00
C GLY B 257 1.76 17.49 -31.88
N GLY B 258 1.37 18.73 -31.58
CA GLY B 258 0.42 19.03 -30.49
C GLY B 258 0.98 18.88 -29.09
N HIS B 259 0.08 19.02 -28.11
CA HIS B 259 0.39 19.00 -26.67
C HIS B 259 -0.42 17.93 -25.93
N TYR B 260 0.27 17.08 -25.17
CA TYR B 260 -0.35 15.95 -24.44
C TYR B 260 -0.42 16.22 -22.94
N VAL B 261 -1.61 16.00 -22.37
CA VAL B 261 -1.93 16.18 -20.95
C VAL B 261 -2.64 14.90 -20.45
N VAL B 262 -2.60 14.67 -19.14
CA VAL B 262 -3.46 13.65 -18.49
C VAL B 262 -4.16 14.20 -17.26
N TYR B 263 -5.46 13.92 -17.16
CA TYR B 263 -6.25 14.18 -15.96
C TYR B 263 -6.35 12.88 -15.15
N LEU B 264 -6.29 12.99 -13.82
CA LEU B 264 -6.23 11.84 -12.90
C LEU B 264 -6.89 12.17 -11.57
N ASN B 265 -7.61 11.20 -11.00
CA ASN B 265 -8.02 11.22 -9.60
C ASN B 265 -7.35 9.98 -8.97
N PRO B 266 -6.10 10.12 -8.47
CA PRO B 266 -5.30 8.95 -8.06
C PRO B 266 -5.91 8.03 -6.97
N LYS B 267 -6.49 8.61 -5.93
CA LYS B 267 -7.15 7.84 -4.85
C LYS B 267 -8.47 7.19 -5.31
N GLY B 268 -9.06 7.67 -6.40
CA GLY B 268 -10.33 7.15 -6.93
C GLY B 268 -11.55 7.73 -6.25
N ASP B 269 -11.43 8.97 -5.77
CA ASP B 269 -12.40 9.59 -4.85
C ASP B 269 -13.04 10.89 -5.40
N GLY B 270 -13.10 11.00 -6.72
CA GLY B 270 -13.45 12.24 -7.43
C GLY B 270 -12.64 13.51 -7.19
N LYS B 271 -11.41 13.39 -6.70
CA LYS B 271 -10.53 14.52 -6.41
C LYS B 271 -9.50 14.58 -7.52
N TRP B 272 -9.79 15.40 -8.54
CA TRP B 272 -9.06 15.42 -9.80
C TRP B 272 -7.89 16.42 -9.81
N CYS B 273 -6.84 16.04 -10.55
CA CYS B 273 -5.68 16.89 -10.84
C CYS B 273 -5.35 16.86 -12.35
N LYS B 274 -4.84 17.99 -12.85
CA LYS B 274 -4.32 18.09 -14.23
C LYS B 274 -2.81 17.92 -14.16
N PHE B 275 -2.29 16.92 -14.88
CA PHE B 275 -0.83 16.68 -14.96
C PHE B 275 -0.31 17.19 -16.31
N ASP B 276 0.19 18.44 -16.30
CA ASP B 276 0.70 19.13 -17.48
C ASP B 276 2.22 19.20 -17.35
N ASP B 277 2.87 18.08 -17.64
CA ASP B 277 4.31 17.88 -17.45
C ASP B 277 4.78 18.33 -16.06
N ASP B 278 5.64 19.36 -15.93
CA ASP B 278 6.18 19.80 -14.64
C ASP B 278 5.14 20.43 -13.71
N VAL B 279 4.05 20.96 -14.28
CA VAL B 279 2.97 21.62 -13.53
C VAL B 279 1.83 20.63 -13.30
N VAL B 280 1.77 20.10 -12.07
CA VAL B 280 0.61 19.38 -11.53
C VAL B 280 -0.23 20.38 -10.72
N SER B 281 -1.53 20.44 -11.02
CA SER B 281 -2.47 21.37 -10.38
C SER B 281 -3.83 20.72 -10.17
N ARG B 282 -4.57 21.22 -9.18
CA ARG B 282 -5.93 20.74 -8.89
C ARG B 282 -6.91 21.32 -9.90
N CYS B 283 -7.94 20.52 -10.21
CA CYS B 283 -9.01 20.89 -11.13
C CYS B 283 -10.36 20.31 -10.70
N THR B 284 -11.42 20.78 -11.36
CA THR B 284 -12.78 20.27 -11.16
C THR B 284 -12.93 18.93 -11.87
N LYS B 285 -13.97 18.17 -11.49
CA LYS B 285 -14.44 16.99 -12.27
C LYS B 285 -14.72 17.34 -13.72
N GLU B 286 -15.34 18.50 -13.90
CA GLU B 286 -15.83 18.97 -15.17
C GLU B 286 -14.73 19.37 -16.14
N GLU B 287 -13.66 19.98 -15.63
CA GLU B 287 -12.43 20.20 -16.42
C GLU B 287 -11.79 18.89 -16.87
N ALA B 288 -11.82 17.88 -16.00
CA ALA B 288 -11.29 16.55 -16.27
C ALA B 288 -12.18 15.66 -17.14
N ILE B 289 -13.51 15.76 -16.97
CA ILE B 289 -14.50 14.91 -17.66
C ILE B 289 -15.19 15.70 -18.80
N GLU B 290 -16.20 16.51 -18.47
CA GLU B 290 -17.07 17.20 -19.44
C GLU B 290 -16.34 18.06 -20.48
N HIS B 291 -15.37 18.85 -20.01
CA HIS B 291 -14.60 19.76 -20.87
C HIS B 291 -13.61 19.08 -21.84
N ASN B 292 -13.38 17.77 -21.70
CA ASN B 292 -12.60 16.95 -22.67
C ASN B 292 -13.47 16.03 -23.59
N TYR B 293 -14.75 16.34 -23.70
CA TYR B 293 -15.67 15.60 -24.58
C TYR B 293 -15.42 15.95 -26.05
N GLY B 294 -15.19 17.24 -26.33
CA GLY B 294 -14.80 17.74 -27.64
C GLY B 294 -15.95 18.37 -28.39
N GLY B 295 -15.67 18.73 -29.65
CA GLY B 295 -16.65 19.37 -30.54
C GLY B 295 -16.84 20.84 -30.27
N CYS B 305 -10.19 20.84 -31.47
CA CYS B 305 -8.86 21.03 -30.88
C CYS B 305 -8.56 20.04 -29.72
N THR B 306 -9.29 20.16 -28.62
CA THR B 306 -9.09 19.33 -27.39
C THR B 306 -9.92 18.03 -27.44
N ASN B 307 -9.24 16.88 -27.43
CA ASN B 307 -9.86 15.56 -27.54
C ASN B 307 -9.25 14.60 -26.53
N ALA B 308 -10.10 13.88 -25.77
CA ALA B 308 -9.64 12.72 -25.01
C ALA B 308 -9.42 11.57 -26.00
N TYR B 309 -8.32 10.84 -25.83
CA TYR B 309 -7.97 9.68 -26.69
C TYR B 309 -7.75 8.35 -25.97
N MET B 310 -7.38 8.38 -24.69
CA MET B 310 -7.36 7.17 -23.85
C MET B 310 -8.09 7.46 -22.55
N LEU B 311 -8.80 6.45 -22.05
CA LEU B 311 -9.46 6.48 -20.74
C LEU B 311 -9.08 5.23 -19.95
N VAL B 312 -8.87 5.40 -18.64
CA VAL B 312 -8.61 4.28 -17.73
C VAL B 312 -9.75 4.22 -16.73
N TYR B 313 -10.40 3.05 -16.69
CA TYR B 313 -11.38 2.71 -15.67
C TYR B 313 -10.82 1.63 -14.73
N ILE B 314 -11.22 1.69 -13.46
CA ILE B 314 -10.93 0.64 -12.46
C ILE B 314 -12.26 0.08 -12.00
N ARG B 315 -12.31 -1.25 -11.87
CA ARG B 315 -13.50 -1.97 -11.39
C ARG B 315 -13.75 -1.65 -9.91
N GLU B 316 -15.02 -1.42 -9.56
CA GLU B 316 -15.42 -0.95 -8.22
C GLU B 316 -15.01 -1.94 -7.13
N SER B 317 -15.29 -3.23 -7.37
CA SER B 317 -14.84 -4.33 -6.51
C SER B 317 -13.30 -4.46 -6.31
N LYS B 318 -12.51 -3.99 -7.28
CA LYS B 318 -11.03 -4.05 -7.23
C LYS B 318 -10.33 -2.74 -6.78
N LEU B 319 -11.08 -1.68 -6.52
CA LEU B 319 -10.53 -0.32 -6.32
C LEU B 319 -9.57 -0.17 -5.16
N SER B 320 -9.94 -0.74 -3.99
CA SER B 320 -9.07 -0.70 -2.79
C SER B 320 -7.75 -1.46 -2.95
N GLU B 321 -7.79 -2.56 -3.71
CA GLU B 321 -6.62 -3.39 -3.96
C GLU B 321 -5.70 -2.74 -4.98
N VAL B 322 -6.28 -2.25 -6.09
CA VAL B 322 -5.53 -1.57 -7.16
C VAL B 322 -4.88 -0.26 -6.69
N LEU B 323 -5.65 0.57 -5.97
CA LEU B 323 -5.18 1.84 -5.41
C LEU B 323 -4.82 1.76 -3.92
N GLN B 324 -4.34 0.58 -3.48
CA GLN B 324 -3.77 0.38 -2.13
C GLN B 324 -2.64 1.37 -1.84
N ALA B 325 -2.60 1.88 -0.62
CA ALA B 325 -1.62 2.90 -0.22
C ALA B 325 -0.18 2.40 -0.36
N VAL B 326 0.68 3.24 -0.92
CA VAL B 326 2.11 3.01 -0.98
C VAL B 326 2.74 3.91 0.09
N THR B 327 3.81 3.40 0.69
CA THR B 327 4.68 4.18 1.57
C THR B 327 6.09 4.01 1.03
N ASP B 328 7.00 4.83 1.54
CA ASP B 328 8.42 4.74 1.18
C ASP B 328 9.07 3.41 1.59
N HIS B 329 8.51 2.82 2.65
CA HIS B 329 8.90 1.50 3.21
C HIS B 329 8.66 0.33 2.24
N ASP B 330 7.68 0.47 1.34
CA ASP B 330 7.39 -0.54 0.31
C ASP B 330 8.42 -0.69 -0.84
N ILE B 331 9.45 0.17 -0.90
CA ILE B 331 10.54 0.05 -1.87
C ILE B 331 11.68 -0.74 -1.18
N PRO B 332 12.07 -1.91 -1.72
CA PRO B 332 13.16 -2.71 -1.12
C PRO B 332 14.45 -1.94 -0.89
N GLN B 333 15.17 -2.29 0.18
CA GLN B 333 16.35 -1.53 0.63
C GLN B 333 17.46 -1.50 -0.43
N GLN B 334 17.69 -2.66 -1.08
CA GLN B 334 18.67 -2.82 -2.18
C GLN B 334 18.44 -1.87 -3.35
N LEU B 335 17.18 -1.71 -3.75
CA LEU B 335 16.80 -0.76 -4.80
C LEU B 335 17.02 0.69 -4.39
N VAL B 336 16.60 1.02 -3.16
CA VAL B 336 16.76 2.39 -2.60
C VAL B 336 18.23 2.80 -2.58
N GLU B 337 19.09 1.91 -2.08
CA GLU B 337 20.54 2.14 -2.05
C GLU B 337 21.18 2.31 -3.43
N ARG B 338 20.71 1.53 -4.41
CA ARG B 338 21.20 1.62 -5.79
C ARG B 338 20.80 2.92 -6.50
N LEU B 339 19.56 3.36 -6.31
CA LEU B 339 19.06 4.61 -6.91
C LEU B 339 19.63 5.87 -6.24
N GLN B 340 19.87 5.83 -4.93
CA GLN B 340 20.62 6.90 -4.24
C GLN B 340 22.11 6.96 -4.60
N GLU B 341 22.73 5.80 -4.89
CA GLU B 341 24.10 5.76 -5.44
C GLU B 341 24.23 6.48 -6.79
N GLU B 342 23.18 6.39 -7.62
CA GLU B 342 23.09 7.15 -8.87
C GLU B 342 22.96 8.66 -8.62
N LYS B 343 22.07 9.03 -7.71
CA LYS B 343 21.83 10.44 -7.34
C LYS B 343 23.05 11.14 -6.70
N ARG B 344 23.85 10.40 -5.94
CA ARG B 344 25.13 10.92 -5.39
C ARG B 344 26.19 11.13 -6.48
N ILE B 345 26.42 10.10 -7.31
CA ILE B 345 27.45 10.13 -8.37
C ILE B 345 27.12 11.16 -9.47
N GLU B 346 25.86 11.21 -9.89
CA GLU B 346 25.41 12.19 -10.91
C GLU B 346 25.41 13.65 -10.39
N ALA B 347 25.06 13.85 -9.12
CA ALA B 347 25.25 15.16 -8.45
C ALA B 347 26.73 15.48 -8.16
N GLN B 348 27.56 14.44 -8.02
CA GLN B 348 29.04 14.53 -8.09
C GLN B 348 29.61 15.22 -6.86
C1 R3Y C . 6.52 -6.55 37.84
C2 R3Y C . 6.00 -5.57 36.81
C3 R3Y C . 5.00 -4.68 37.20
C4 R3Y C . 4.48 -3.76 36.30
C5 R3Y C . 4.94 -3.72 35.00
C6 R3Y C . 5.94 -4.60 34.56
C7 R3Y C . 6.50 -5.55 35.48
C11 R3Y C . 9.57 -7.02 33.99
C17 R3Y C . 6.39 -4.51 33.15
C18 R3Y C . 6.27 -5.65 32.33
C19 R3Y C . 6.72 -5.59 31.02
C21 R3Y C . 7.40 -3.35 31.26
C23 R3Y C . 7.99 -1.15 31.81
O29 R3Y C . 9.36 0.59 34.38
C30 R3Y C . 11.67 0.42 33.73
C31 R3Y C . 12.26 0.23 32.33
C32 R3Y C . 11.04 0.14 31.45
O8 R3Y C . 7.48 -6.43 35.12
C9 R3Y C . 8.81 -5.95 34.80
N12 R3Y C . 10.97 -6.52 34.11
C13 R3Y C . 11.12 -5.52 35.18
C14 R3Y C . 9.80 -5.72 35.97
F16 R3Y C . 9.96 -6.82 36.81
N20 R3Y C . 7.26 -4.48 30.52
C22 R3Y C . 7.96 -2.07 30.86
S24 R3Y C . 7.29 -1.75 33.30
C25 R3Y C . 6.97 -3.33 32.60
C26 R3Y C . 8.54 0.24 31.64
N27 R3Y C . 9.92 0.27 32.18
C28 R3Y C . 10.18 0.44 33.49
O33 R3Y C . 11.10 0.00 30.24
CL34 R3Y C . 3.25 -2.65 36.79
C1 R3Y D . -2.12 13.54 -33.02
C2 R3Y D . -2.94 12.73 -32.05
C3 R3Y D . -4.19 13.24 -31.70
C4 R3Y D . -5.01 12.55 -30.81
C5 R3Y D . -4.58 11.35 -30.26
C6 R3Y D . -3.34 10.80 -30.58
C7 R3Y D . -2.49 11.49 -31.51
C11 R3Y D . 0.18 9.05 -32.42
C17 R3Y D . -2.96 9.49 -29.96
C18 R3Y D . -1.73 9.36 -29.29
C19 R3Y D . -1.36 8.12 -28.76
C21 R3Y D . -3.33 7.11 -29.54
C23 R3Y D . -5.35 6.38 -30.46
O29 R3Y D . -7.27 6.77 -33.31
C30 R3Y D . -6.13 5.07 -34.58
C31 R3Y D . -5.35 3.84 -34.07
C32 R3Y D . -5.46 3.95 -32.56
O8 R3Y D . -1.26 10.99 -31.89
C9 R3Y D . -1.18 9.75 -32.66
N12 R3Y D . 0.25 8.14 -33.59
C13 R3Y D . -0.70 8.49 -34.67
C14 R3Y D . -1.26 9.86 -34.19
F16 R3Y D . -0.48 10.88 -34.71
N20 R3Y D . -2.15 7.06 -28.89
C22 R3Y D . -4.28 6.03 -29.78
S24 R3Y D . -5.32 8.07 -30.89
C25 R3Y D . -3.76 8.33 -30.11
C26 R3Y D . -6.46 5.44 -30.85
N27 R3Y D . -6.18 5.04 -32.24
C28 R3Y D . -6.61 5.75 -33.32
O33 R3Y D . -4.96 3.15 -31.80
CL34 R3Y D . -6.57 13.17 -30.37
#